data_8SF5
#
_entry.id   8SF5
#
_cell.length_a   79.921
_cell.length_b   79.921
_cell.length_c   230.492
_cell.angle_alpha   90.000
_cell.angle_beta   90.000
_cell.angle_gamma   120.000
#
_symmetry.space_group_name_H-M   'P 31 2 1'
#
loop_
_entity.id
_entity.type
_entity.pdbx_description
1 polymer 'O-acetylhomoserine/O-acetylserine sulfhydrylase'
2 water water
#
_entity_poly.entity_id   1
_entity_poly.type   'polypeptide(L)'
_entity_poly.pdbx_seq_one_letter_code
;MEERKYGFDTLQLHAGQFVDRETKSRAVPIYQTTSYIFETPEEAADLFALKKAGNIYTRIGNPTTDVLEKRIAALDGGVG
AVATSSGQAAITYAILNIARSGDEVVAASTLYGGTYTLFAHTLRKLGITVKFVNPDYLEEFEKAITDKTKAIFVETLGNP
NINIPDFEAIAEIAHKHGIPFIVDNTFATPYLFRPIEHGADIVVYSMT(LLP)FLGGHGTSIAGIVVDSGKFEWNEKFPD
LIQPDPSYHGLIYTKEFGNAAYIAKLRLTLLRDIGACLSPFNSFLVLLGVETLSLRMQKHVDNAMKLAKFLNDHPKVEWV
NYPALEGNKYYELYKKYLPKGPGAIFTFGPKGGYDAAKKIINNVKLFSHLANVGDAKSLIIHPASTTHQQLTEEEQRAAG
VLPEMIRLSVGIEDIEDLIYDIESALNKVLEHHHHHH
;
_entity_poly.pdbx_strand_id   A,B
#
# COMPACT_ATOMS: atom_id res chain seq x y z
N LYS A 5 -32.99 -5.03 10.88
CA LYS A 5 -32.80 -3.63 10.42
C LYS A 5 -32.47 -2.75 11.63
N TYR A 6 -31.20 -2.77 12.07
CA TYR A 6 -30.65 -1.94 13.19
C TYR A 6 -30.39 -0.52 12.69
N GLY A 7 -30.51 0.47 13.58
CA GLY A 7 -30.23 1.89 13.31
C GLY A 7 -28.74 2.14 13.08
N PHE A 8 -28.42 3.33 12.57
CA PHE A 8 -27.04 3.78 12.23
C PHE A 8 -26.14 3.67 13.47
N ASP A 9 -26.62 4.13 14.63
CA ASP A 9 -25.78 4.24 15.86
C ASP A 9 -25.45 2.84 16.37
N THR A 10 -26.34 1.89 16.20
CA THR A 10 -26.09 0.48 16.58
C THR A 10 -25.02 -0.09 15.63
N LEU A 11 -25.20 0.12 14.33
CA LEU A 11 -24.33 -0.42 13.25
C LEU A 11 -22.90 0.11 13.38
N GLN A 12 -22.72 1.39 13.73
CA GLN A 12 -21.37 2.03 13.80
C GLN A 12 -20.62 1.47 15.02
N LEU A 13 -21.37 0.90 15.97
CA LEU A 13 -20.85 0.33 17.23
C LEU A 13 -20.60 -1.19 17.09
N HIS A 14 -21.45 -1.92 16.37
CA HIS A 14 -21.55 -3.41 16.43
C HIS A 14 -21.26 -4.11 15.10
N ALA A 15 -21.58 -3.52 13.94
CA ALA A 15 -21.53 -4.20 12.62
C ALA A 15 -20.14 -4.80 12.36
N GLY A 16 -20.12 -6.04 11.88
CA GLY A 16 -18.90 -6.79 11.51
C GLY A 16 -18.12 -7.33 12.69
N GLN A 17 -18.60 -7.12 13.93
CA GLN A 17 -17.88 -7.49 15.18
C GLN A 17 -18.46 -8.80 15.73
N PHE A 18 -17.82 -9.93 15.41
CA PHE A 18 -18.00 -11.25 16.06
C PHE A 18 -17.18 -11.28 17.36
N VAL A 19 -17.66 -12.03 18.34
CA VAL A 19 -16.99 -12.30 19.65
C VAL A 19 -16.08 -13.52 19.46
N ASP A 20 -14.77 -13.33 19.62
CA ASP A 20 -13.70 -14.37 19.58
C ASP A 20 -14.12 -15.56 20.48
N ARG A 21 -14.14 -16.76 19.92
CA ARG A 21 -14.55 -18.00 20.63
C ARG A 21 -13.44 -18.50 21.58
N GLU A 22 -12.20 -18.04 21.47
CA GLU A 22 -11.10 -18.39 22.42
C GLU A 22 -11.31 -17.64 23.75
N THR A 23 -11.35 -16.31 23.68
CA THR A 23 -11.25 -15.39 24.85
C THR A 23 -12.62 -14.77 25.16
N LYS A 24 -13.45 -14.55 24.15
CA LYS A 24 -14.80 -13.95 24.31
C LYS A 24 -14.66 -12.44 24.57
N SER A 25 -13.50 -11.86 24.22
CA SER A 25 -13.17 -10.41 24.41
C SER A 25 -14.27 -9.53 23.83
N ARG A 26 -14.72 -8.50 24.55
CA ARG A 26 -15.76 -7.57 24.04
C ARG A 26 -15.16 -6.60 23.02
N ALA A 27 -13.97 -6.06 23.27
CA ALA A 27 -13.24 -5.21 22.30
C ALA A 27 -12.70 -6.09 21.16
N VAL A 28 -12.49 -5.48 19.99
CA VAL A 28 -11.85 -6.15 18.82
C VAL A 28 -10.37 -6.34 19.15
N PRO A 29 -9.88 -7.60 19.22
CA PRO A 29 -8.45 -7.85 19.40
C PRO A 29 -7.63 -7.26 18.25
N ILE A 30 -6.42 -6.79 18.55
CA ILE A 30 -5.42 -6.33 17.53
C ILE A 30 -4.62 -7.56 17.09
N TYR A 31 -4.97 -8.14 15.95
CA TYR A 31 -4.28 -9.33 15.38
C TYR A 31 -3.02 -8.87 14.61
N GLN A 32 -2.03 -8.37 15.36
CA GLN A 32 -0.74 -7.89 14.79
C GLN A 32 0.10 -9.13 14.45
N THR A 33 -0.28 -9.80 13.36
CA THR A 33 0.30 -11.08 12.89
C THR A 33 0.44 -11.01 11.37
N THR A 34 1.51 -11.59 10.84
CA THR A 34 1.76 -11.72 9.38
C THR A 34 1.08 -12.98 8.85
N SER A 35 0.87 -14.00 9.69
CA SER A 35 0.43 -15.34 9.22
C SER A 35 -0.41 -16.09 10.26
N TYR A 36 -1.09 -17.14 9.78
CA TYR A 36 -2.09 -17.97 10.50
C TYR A 36 -1.82 -19.44 10.18
N ILE A 37 -1.90 -20.31 11.19
CA ILE A 37 -1.66 -21.77 11.08
C ILE A 37 -2.79 -22.40 10.26
N PHE A 38 -2.50 -23.48 9.52
CA PHE A 38 -3.45 -24.14 8.59
C PHE A 38 -4.21 -25.27 9.31
N GLU A 39 -5.33 -25.68 8.71
CA GLU A 39 -6.16 -26.85 9.13
C GLU A 39 -5.36 -28.14 8.96
N ALA A 44 -6.08 -25.78 3.91
CA ALA A 44 -4.74 -25.23 3.55
C ALA A 44 -4.67 -25.01 2.04
N ALA A 45 -4.97 -26.06 1.26
CA ALA A 45 -5.10 -26.03 -0.22
C ALA A 45 -6.43 -25.39 -0.62
N ASP A 46 -7.49 -25.66 0.16
CA ASP A 46 -8.87 -25.16 -0.05
C ASP A 46 -8.95 -23.67 0.30
N LEU A 47 -7.99 -23.16 1.08
CA LEU A 47 -7.84 -21.71 1.42
C LEU A 47 -7.32 -20.96 0.20
N PHE A 48 -6.21 -21.42 -0.38
CA PHE A 48 -5.52 -20.82 -1.55
C PHE A 48 -6.30 -21.09 -2.85
N ALA A 49 -7.02 -22.21 -2.92
CA ALA A 49 -7.84 -22.64 -4.09
C ALA A 49 -9.12 -21.79 -4.19
N LEU A 50 -9.45 -21.01 -3.16
CA LEU A 50 -10.63 -20.08 -3.11
C LEU A 50 -10.14 -18.64 -2.87
N ILE A 60 -4.42 -11.34 0.96
CA ILE A 60 -5.55 -12.03 1.67
C ILE A 60 -6.23 -11.01 2.60
N GLY A 61 -6.30 -11.28 3.91
CA GLY A 61 -6.97 -10.39 4.90
C GLY A 61 -6.45 -10.55 6.33
N ASN A 62 -7.08 -9.81 7.25
CA ASN A 62 -6.76 -9.78 8.69
C ASN A 62 -8.05 -9.66 9.49
N PRO A 63 -8.22 -10.41 10.60
CA PRO A 63 -9.48 -10.42 11.34
C PRO A 63 -9.87 -9.08 12.01
N THR A 64 -8.90 -8.24 12.37
CA THR A 64 -9.18 -6.88 12.95
C THR A 64 -9.77 -6.00 11.83
N THR A 65 -9.09 -5.94 10.68
CA THR A 65 -9.46 -5.15 9.49
C THR A 65 -10.82 -5.61 8.96
N ASP A 66 -11.07 -6.93 8.94
CA ASP A 66 -12.32 -7.53 8.42
C ASP A 66 -13.55 -6.92 9.14
N VAL A 67 -13.43 -6.58 10.42
CA VAL A 67 -14.50 -5.88 11.20
C VAL A 67 -14.74 -4.50 10.60
N LEU A 68 -13.67 -3.73 10.38
CA LEU A 68 -13.76 -2.36 9.84
C LEU A 68 -14.35 -2.42 8.42
N GLU A 69 -13.92 -3.40 7.64
CA GLU A 69 -14.40 -3.61 6.24
C GLU A 69 -15.92 -3.83 6.26
N LYS A 70 -16.40 -4.77 7.08
CA LYS A 70 -17.83 -5.16 7.13
C LYS A 70 -18.68 -4.03 7.72
N ARG A 71 -18.10 -3.25 8.64
CA ARG A 71 -18.78 -2.13 9.33
C ARG A 71 -19.08 -1.01 8.32
N ILE A 72 -18.09 -0.62 7.51
CA ILE A 72 -18.23 0.48 6.52
C ILE A 72 -19.21 0.03 5.43
N ALA A 73 -19.10 -1.20 4.95
CA ALA A 73 -20.05 -1.81 3.99
C ALA A 73 -21.48 -1.67 4.53
N ALA A 74 -21.70 -2.00 5.80
CA ALA A 74 -23.03 -1.98 6.47
C ALA A 74 -23.57 -0.54 6.53
N LEU A 75 -22.72 0.42 6.90
CA LEU A 75 -23.09 1.85 7.04
C LEU A 75 -23.46 2.45 5.68
N ASP A 76 -22.80 2.00 4.60
CA ASP A 76 -23.06 2.52 3.23
C ASP A 76 -24.14 1.68 2.53
N GLY A 77 -24.51 0.54 3.10
CA GLY A 77 -25.46 -0.43 2.50
C GLY A 77 -24.86 -1.13 1.28
N GLY A 78 -23.58 -1.51 1.35
CA GLY A 78 -22.85 -2.24 0.29
C GLY A 78 -22.67 -3.71 0.63
N VAL A 79 -22.12 -4.50 -0.29
CA VAL A 79 -22.02 -5.98 -0.17
C VAL A 79 -20.65 -6.38 0.43
N GLY A 80 -19.68 -5.46 0.43
CA GLY A 80 -18.33 -5.72 0.97
C GLY A 80 -17.39 -4.56 0.70
N ALA A 81 -16.21 -4.60 1.32
CA ALA A 81 -15.20 -3.52 1.32
C ALA A 81 -13.80 -4.10 1.48
N VAL A 82 -12.80 -3.42 0.92
CA VAL A 82 -11.35 -3.67 1.14
C VAL A 82 -10.72 -2.41 1.72
N ALA A 83 -10.15 -2.49 2.93
CA ALA A 83 -9.33 -1.43 3.53
C ALA A 83 -7.96 -1.42 2.86
N THR A 84 -7.34 -0.24 2.77
CA THR A 84 -6.02 0.02 2.16
C THR A 84 -5.23 0.95 3.09
N SER A 85 -3.93 1.10 2.80
CA SER A 85 -2.96 1.88 3.63
C SER A 85 -3.27 3.38 3.56
N SER A 86 -4.06 3.85 2.59
CA SER A 86 -4.40 5.30 2.47
C SER A 86 -5.60 5.52 1.55
N GLY A 87 -6.18 6.71 1.61
CA GLY A 87 -7.19 7.18 0.64
C GLY A 87 -6.65 7.08 -0.78
N GLN A 88 -5.40 7.50 -0.98
CA GLN A 88 -4.71 7.49 -2.29
C GLN A 88 -4.71 6.06 -2.85
N ALA A 89 -4.35 5.07 -2.03
CA ALA A 89 -4.28 3.65 -2.45
C ALA A 89 -5.68 3.11 -2.74
N ALA A 90 -6.69 3.56 -2.00
CA ALA A 90 -8.11 3.16 -2.19
C ALA A 90 -8.57 3.65 -3.56
N ILE A 91 -8.26 4.90 -3.91
CA ILE A 91 -8.59 5.48 -5.24
C ILE A 91 -7.82 4.71 -6.31
N THR A 92 -6.51 4.55 -6.16
CA THR A 92 -5.66 3.80 -7.13
C THR A 92 -6.31 2.45 -7.41
N TYR A 93 -6.68 1.72 -6.36
CA TYR A 93 -7.22 0.34 -6.42
C TYR A 93 -8.58 0.32 -7.09
N ALA A 94 -9.41 1.34 -6.81
CA ALA A 94 -10.81 1.45 -7.33
C ALA A 94 -10.79 1.58 -8.86
N ILE A 95 -9.78 2.28 -9.41
CA ILE A 95 -9.61 2.51 -10.88
C ILE A 95 -8.92 1.31 -11.51
N LEU A 96 -7.76 0.90 -10.98
CA LEU A 96 -6.93 -0.19 -11.55
C LEU A 96 -7.72 -1.51 -11.53
N ASN A 97 -8.78 -1.62 -10.72
CA ASN A 97 -9.58 -2.87 -10.65
C ASN A 97 -10.41 -3.06 -11.92
N ILE A 98 -10.72 -1.98 -12.65
CA ILE A 98 -11.62 -2.04 -13.83
C ILE A 98 -11.01 -1.32 -15.03
N ALA A 99 -9.82 -0.75 -14.89
CA ALA A 99 -9.13 0.03 -15.94
C ALA A 99 -7.68 -0.47 -16.12
N ARG A 100 -7.32 -0.84 -17.36
CA ARG A 100 -5.97 -1.29 -17.75
C ARG A 100 -5.41 -0.24 -18.72
N SER A 101 -4.10 -0.31 -19.00
CA SER A 101 -3.40 0.52 -20.02
C SER A 101 -4.24 0.58 -21.29
N GLY A 102 -4.49 1.81 -21.79
CA GLY A 102 -5.28 2.06 -23.00
C GLY A 102 -6.72 2.46 -22.69
N ASP A 103 -7.18 2.24 -21.45
CA ASP A 103 -8.58 2.54 -21.04
C ASP A 103 -8.65 4.02 -20.64
N GLU A 104 -9.87 4.53 -20.39
CA GLU A 104 -10.11 5.93 -19.97
C GLU A 104 -11.01 5.98 -18.74
N VAL A 105 -10.94 7.10 -18.01
CA VAL A 105 -11.88 7.46 -16.90
C VAL A 105 -12.30 8.92 -17.12
N VAL A 106 -13.58 9.21 -16.90
CA VAL A 106 -14.12 10.60 -16.79
C VAL A 106 -14.16 10.95 -15.30
N ALA A 107 -13.57 12.08 -14.92
CA ALA A 107 -13.51 12.58 -13.52
C ALA A 107 -13.92 14.05 -13.48
N ALA A 108 -14.62 14.47 -12.42
CA ALA A 108 -14.81 15.90 -12.09
C ALA A 108 -13.41 16.53 -11.98
N SER A 109 -13.26 17.79 -12.42
CA SER A 109 -11.98 18.56 -12.33
C SER A 109 -11.73 18.95 -10.87
N THR A 110 -12.80 19.21 -10.11
CA THR A 110 -12.75 19.74 -8.72
C THR A 110 -12.36 18.62 -7.76
N LEU A 111 -11.14 18.10 -7.92
CA LEU A 111 -10.60 16.94 -7.14
C LEU A 111 -9.60 17.42 -6.10
N TYR A 112 -9.32 16.55 -5.13
CA TYR A 112 -8.21 16.66 -4.15
C TYR A 112 -6.89 16.67 -4.94
N GLY A 113 -5.96 17.53 -4.54
CA GLY A 113 -4.63 17.69 -5.17
C GLY A 113 -3.98 16.33 -5.42
N GLY A 114 -3.91 15.49 -4.39
CA GLY A 114 -3.34 14.12 -4.46
C GLY A 114 -4.06 13.26 -5.49
N THR A 115 -5.38 13.39 -5.62
CA THR A 115 -6.19 12.66 -6.63
C THR A 115 -5.85 13.19 -8.03
N TYR A 116 -5.78 14.51 -8.20
CA TYR A 116 -5.45 15.14 -9.51
C TYR A 116 -4.10 14.59 -10.02
N THR A 117 -3.06 14.64 -9.20
CA THR A 117 -1.67 14.25 -9.60
C THR A 117 -1.68 12.75 -9.86
N LEU A 118 -2.41 11.97 -9.07
CA LEU A 118 -2.57 10.51 -9.30
C LEU A 118 -3.15 10.31 -10.70
N PHE A 119 -4.22 11.03 -11.03
CA PHE A 119 -5.00 10.87 -12.28
C PHE A 119 -4.19 11.43 -13.46
N ALA A 120 -3.67 12.65 -13.34
CA ALA A 120 -3.04 13.41 -14.46
C ALA A 120 -1.65 12.85 -14.79
N HIS A 121 -0.93 12.29 -13.82
CA HIS A 121 0.51 11.93 -13.98
C HIS A 121 0.73 10.43 -13.78
N THR A 122 0.62 9.93 -12.54
CA THR A 122 0.99 8.53 -12.17
C THR A 122 0.23 7.54 -13.06
N LEU A 123 -1.09 7.72 -13.24
CA LEU A 123 -1.97 6.77 -13.98
C LEU A 123 -1.74 6.92 -15.48
N ARG A 124 -1.61 8.16 -15.97
CA ARG A 124 -1.32 8.51 -17.38
C ARG A 124 -0.06 7.74 -17.85
N LYS A 125 0.98 7.68 -17.04
CA LYS A 125 2.21 6.90 -17.32
C LYS A 125 1.90 5.40 -17.41
N LEU A 126 0.89 4.90 -16.69
CA LEU A 126 0.48 3.46 -16.71
C LEU A 126 -0.53 3.21 -17.84
N GLY A 127 -0.79 4.22 -18.68
CA GLY A 127 -1.56 4.08 -19.93
C GLY A 127 -3.06 4.30 -19.70
N ILE A 128 -3.44 4.79 -18.52
CA ILE A 128 -4.85 5.14 -18.21
C ILE A 128 -4.99 6.64 -18.37
N THR A 129 -5.82 7.07 -19.32
CA THR A 129 -6.05 8.49 -19.68
C THR A 129 -7.30 8.96 -18.93
N VAL A 130 -7.14 9.91 -18.01
CA VAL A 130 -8.26 10.51 -17.23
C VAL A 130 -8.64 11.85 -17.90
N LYS A 131 -9.89 11.92 -18.38
CA LYS A 131 -10.50 13.15 -18.98
C LYS A 131 -11.26 13.91 -17.90
N PHE A 132 -10.79 15.09 -17.53
CA PHE A 132 -11.39 15.99 -16.51
C PHE A 132 -12.51 16.82 -17.17
N VAL A 133 -13.71 16.80 -16.58
CA VAL A 133 -14.83 17.68 -16.98
C VAL A 133 -15.21 18.56 -15.77
N ASN A 134 -15.94 19.64 -16.03
CA ASN A 134 -16.48 20.57 -15.00
C ASN A 134 -17.82 19.99 -14.53
N PRO A 135 -17.91 19.54 -13.26
CA PRO A 135 -19.03 18.69 -12.82
C PRO A 135 -20.39 19.40 -12.77
N ASP A 136 -20.38 20.74 -12.78
CA ASP A 136 -21.60 21.58 -12.80
C ASP A 136 -22.30 21.47 -14.17
N TYR A 137 -21.58 21.04 -15.23
CA TYR A 137 -22.12 20.89 -16.61
C TYR A 137 -22.20 19.41 -16.97
N LEU A 138 -23.42 18.88 -17.01
CA LEU A 138 -23.72 17.42 -17.20
C LEU A 138 -23.37 17.00 -18.63
N GLU A 139 -23.68 17.86 -19.61
CA GLU A 139 -23.41 17.61 -21.06
C GLU A 139 -21.93 17.24 -21.23
N GLU A 140 -21.05 17.81 -20.39
CA GLU A 140 -19.57 17.69 -20.49
C GLU A 140 -19.13 16.26 -20.09
N PHE A 141 -19.84 15.63 -19.16
CA PHE A 141 -19.64 14.19 -18.81
C PHE A 141 -19.92 13.34 -20.04
N GLU A 142 -21.12 13.46 -20.58
CA GLU A 142 -21.58 12.65 -21.73
C GLU A 142 -20.63 12.84 -22.90
N LYS A 143 -20.22 14.09 -23.18
CA LYS A 143 -19.39 14.46 -24.34
C LYS A 143 -17.96 13.91 -24.19
N ALA A 144 -17.56 13.50 -23.00
CA ALA A 144 -16.18 13.04 -22.69
C ALA A 144 -16.10 11.50 -22.71
N ILE A 145 -17.25 10.81 -22.73
CA ILE A 145 -17.33 9.32 -22.74
C ILE A 145 -17.02 8.80 -24.15
N THR A 146 -16.13 7.81 -24.23
CA THR A 146 -15.72 7.12 -25.49
C THR A 146 -15.88 5.62 -25.29
N ASP A 147 -15.60 4.82 -26.32
CA ASP A 147 -15.60 3.34 -26.29
C ASP A 147 -14.64 2.85 -25.20
N LYS A 148 -13.60 3.62 -24.88
CA LYS A 148 -12.50 3.21 -23.98
C LYS A 148 -12.86 3.51 -22.50
N THR A 149 -13.88 4.34 -22.24
CA THR A 149 -14.23 4.84 -20.88
C THR A 149 -14.75 3.69 -20.00
N LYS A 150 -14.27 3.57 -18.75
CA LYS A 150 -14.55 2.42 -17.86
C LYS A 150 -15.27 2.83 -16.58
N ALA A 151 -15.39 4.13 -16.29
CA ALA A 151 -15.97 4.67 -15.04
C ALA A 151 -16.11 6.20 -15.08
N ILE A 152 -17.12 6.73 -14.39
CA ILE A 152 -17.20 8.16 -13.97
C ILE A 152 -16.85 8.24 -12.48
N PHE A 153 -15.99 9.20 -12.12
CA PHE A 153 -15.49 9.45 -10.74
C PHE A 153 -15.80 10.90 -10.34
N VAL A 154 -16.45 11.11 -9.19
CA VAL A 154 -16.64 12.48 -8.60
C VAL A 154 -16.43 12.42 -7.09
N GLU A 155 -16.13 13.56 -6.47
CA GLU A 155 -16.12 13.76 -5.00
C GLU A 155 -17.49 14.28 -4.56
N THR A 156 -17.98 13.84 -3.40
CA THR A 156 -19.27 14.28 -2.79
C THR A 156 -19.27 15.81 -2.64
N LEU A 157 -18.22 16.34 -2.02
CA LEU A 157 -17.91 17.77 -1.91
C LEU A 157 -16.51 17.98 -2.50
N GLY A 158 -16.43 18.62 -3.66
CA GLY A 158 -15.20 18.82 -4.42
C GLY A 158 -14.25 19.82 -3.77
N ASN A 159 -12.99 19.79 -4.23
CA ASN A 159 -11.89 20.67 -3.77
C ASN A 159 -11.45 21.59 -4.89
N PRO A 160 -11.14 22.87 -4.58
CA PRO A 160 -11.31 23.41 -3.22
C PRO A 160 -12.66 24.12 -3.00
N ASN A 161 -13.58 23.96 -3.96
CA ASN A 161 -14.76 24.85 -4.14
C ASN A 161 -15.97 24.41 -3.29
N ILE A 162 -15.96 23.20 -2.73
CA ILE A 162 -17.08 22.66 -1.90
C ILE A 162 -18.32 22.54 -2.81
N ASN A 163 -18.12 22.07 -4.05
CA ASN A 163 -19.20 21.94 -5.06
C ASN A 163 -19.88 20.59 -4.83
N ILE A 164 -21.21 20.54 -5.00
CA ILE A 164 -22.02 19.29 -4.92
C ILE A 164 -22.47 18.93 -6.34
N PRO A 165 -22.01 17.78 -6.87
CA PRO A 165 -22.55 17.26 -8.13
C PRO A 165 -23.99 16.73 -7.97
N ASP A 166 -24.74 16.70 -9.07
CA ASP A 166 -26.10 16.12 -9.17
C ASP A 166 -25.93 14.60 -9.34
N PHE A 167 -25.82 13.87 -8.24
CA PHE A 167 -25.37 12.45 -8.22
C PHE A 167 -26.26 11.62 -9.14
N GLU A 168 -27.59 11.72 -8.99
CA GLU A 168 -28.59 10.91 -9.72
C GLU A 168 -28.47 11.14 -11.24
N ALA A 169 -28.40 12.41 -11.66
CA ALA A 169 -28.22 12.81 -13.08
C ALA A 169 -26.92 12.21 -13.64
N ILE A 170 -25.81 12.31 -12.91
CA ILE A 170 -24.50 11.78 -13.35
C ILE A 170 -24.58 10.24 -13.44
N ALA A 171 -25.26 9.61 -12.48
CA ALA A 171 -25.45 8.15 -12.38
C ALA A 171 -26.28 7.65 -13.58
N GLU A 172 -27.29 8.42 -14.00
CA GLU A 172 -28.17 8.06 -15.15
C GLU A 172 -27.29 8.00 -16.41
N ILE A 173 -26.37 8.96 -16.56
CA ILE A 173 -25.39 9.06 -17.69
C ILE A 173 -24.45 7.85 -17.67
N ALA A 174 -23.85 7.54 -16.52
CA ALA A 174 -22.94 6.38 -16.33
C ALA A 174 -23.63 5.09 -16.82
N HIS A 175 -24.84 4.84 -16.30
CA HIS A 175 -25.60 3.56 -16.46
C HIS A 175 -26.14 3.44 -17.88
N LYS A 176 -26.49 4.57 -18.51
CA LYS A 176 -26.94 4.63 -19.93
C LYS A 176 -25.82 4.09 -20.83
N HIS A 177 -24.55 4.29 -20.46
CA HIS A 177 -23.34 3.91 -21.24
C HIS A 177 -22.69 2.61 -20.72
N GLY A 178 -23.29 1.97 -19.71
CA GLY A 178 -22.82 0.69 -19.16
C GLY A 178 -21.52 0.78 -18.38
N ILE A 179 -21.25 1.90 -17.68
CA ILE A 179 -20.04 2.03 -16.81
C ILE A 179 -20.46 2.33 -15.37
N PRO A 180 -19.65 1.93 -14.37
CA PRO A 180 -19.93 2.24 -12.99
C PRO A 180 -19.66 3.72 -12.69
N PHE A 181 -20.36 4.24 -11.69
CA PHE A 181 -20.22 5.58 -11.09
C PHE A 181 -19.50 5.41 -9.74
N ILE A 182 -18.32 5.99 -9.59
CA ILE A 182 -17.50 5.91 -8.35
C ILE A 182 -17.61 7.25 -7.62
N VAL A 183 -17.96 7.23 -6.33
CA VAL A 183 -18.05 8.48 -5.51
C VAL A 183 -17.02 8.41 -4.36
N ASP A 184 -16.12 9.39 -4.30
CA ASP A 184 -15.24 9.65 -3.13
C ASP A 184 -16.05 10.45 -2.11
N ASN A 185 -16.36 9.83 -0.98
CA ASN A 185 -17.32 10.33 0.03
C ASN A 185 -16.58 10.75 1.31
N THR A 186 -15.26 10.89 1.24
CA THR A 186 -14.35 11.28 2.36
C THR A 186 -14.93 12.45 3.18
N PHE A 187 -15.36 13.54 2.53
CA PHE A 187 -15.73 14.81 3.21
C PHE A 187 -17.08 14.70 3.94
N ALA A 188 -17.89 13.66 3.71
CA ALA A 188 -19.27 13.53 4.25
C ALA A 188 -19.40 12.38 5.26
N THR A 189 -18.88 11.20 4.89
CA THR A 189 -19.03 9.90 5.60
C THR A 189 -20.48 9.45 5.44
N PRO A 190 -20.78 8.15 5.64
CA PRO A 190 -22.12 7.60 5.48
C PRO A 190 -23.17 8.29 6.35
N TYR A 191 -22.80 8.93 7.46
CA TYR A 191 -23.76 9.66 8.32
C TYR A 191 -24.42 10.80 7.55
N LEU A 192 -23.69 11.53 6.70
CA LEU A 192 -24.21 12.76 6.01
C LEU A 192 -24.68 12.45 4.57
N PHE A 193 -24.15 11.40 3.95
CA PHE A 193 -24.48 10.98 2.57
C PHE A 193 -24.14 9.50 2.32
N ARG A 194 -25.11 8.76 1.81
CA ARG A 194 -24.94 7.36 1.37
C ARG A 194 -24.99 7.33 -0.15
N PRO A 195 -23.85 7.52 -0.85
CA PRO A 195 -23.87 7.66 -2.31
C PRO A 195 -24.66 6.55 -3.02
N ILE A 196 -24.77 5.36 -2.41
CA ILE A 196 -25.41 4.16 -3.07
C ILE A 196 -26.92 4.38 -3.14
N GLU A 197 -27.48 5.21 -2.26
CA GLU A 197 -28.92 5.61 -2.30
C GLU A 197 -29.19 6.53 -3.50
N HIS A 198 -28.15 7.02 -4.17
CA HIS A 198 -28.26 8.05 -5.23
C HIS A 198 -27.53 7.62 -6.51
N GLY A 199 -27.35 6.32 -6.73
CA GLY A 199 -26.94 5.77 -8.04
C GLY A 199 -25.51 5.27 -8.07
N ALA A 200 -24.70 5.59 -7.05
CA ALA A 200 -23.27 5.20 -6.98
C ALA A 200 -23.15 3.67 -6.92
N ASP A 201 -22.14 3.11 -7.61
CA ASP A 201 -21.87 1.66 -7.68
C ASP A 201 -20.67 1.32 -6.78
N ILE A 202 -19.72 2.23 -6.66
CA ILE A 202 -18.49 2.10 -5.82
C ILE A 202 -18.35 3.37 -4.98
N VAL A 203 -18.04 3.23 -3.69
CA VAL A 203 -17.69 4.40 -2.82
C VAL A 203 -16.27 4.22 -2.29
N VAL A 204 -15.49 5.30 -2.25
CA VAL A 204 -14.11 5.33 -1.69
C VAL A 204 -14.07 6.36 -0.56
N TYR A 205 -13.25 6.10 0.44
CA TYR A 205 -12.92 7.04 1.54
C TYR A 205 -11.41 7.06 1.80
N SER A 206 -10.92 8.25 2.08
CA SER A 206 -9.79 8.48 3.02
C SER A 206 -10.35 8.40 4.44
N MET A 207 -10.20 7.24 5.10
CA MET A 207 -10.62 7.04 6.52
C MET A 207 -9.67 7.83 7.41
N THR A 208 -8.56 8.29 6.83
CA THR A 208 -7.59 9.24 7.43
C THR A 208 -8.32 10.47 7.96
N PHE A 210 -12.44 12.15 8.29
CA PHE A 210 -13.53 12.23 9.25
C PHE A 210 -13.93 10.85 9.80
N LEU A 211 -13.95 9.81 8.97
CA LEU A 211 -14.31 8.43 9.37
C LEU A 211 -13.46 8.01 10.59
N GLY A 212 -12.14 8.11 10.48
CA GLY A 212 -11.19 7.89 11.59
C GLY A 212 -11.32 8.93 12.69
N GLY A 213 -11.29 10.22 12.34
CA GLY A 213 -11.82 11.29 13.20
C GLY A 213 -10.80 11.94 14.13
N HIS A 214 -9.65 11.32 14.41
CA HIS A 214 -8.75 11.78 15.51
C HIS A 214 -7.35 12.16 15.00
N GLY A 215 -7.14 12.23 13.68
CA GLY A 215 -5.85 12.63 13.08
C GLY A 215 -4.70 11.70 13.46
N THR A 216 -4.97 10.41 13.67
CA THR A 216 -3.99 9.43 14.21
C THR A 216 -3.51 8.48 13.11
N SER A 217 -4.40 8.04 12.23
CA SER A 217 -4.17 6.84 11.40
C SER A 217 -4.48 7.11 9.94
N ILE A 218 -3.47 6.94 9.07
CA ILE A 218 -3.64 6.99 7.59
C ILE A 218 -4.27 5.68 7.13
N ALA A 219 -5.42 5.74 6.44
CA ALA A 219 -6.21 4.56 6.01
C ALA A 219 -7.12 4.93 4.84
N GLY A 220 -7.44 3.97 3.98
CA GLY A 220 -8.48 4.11 2.94
C GLY A 220 -9.35 2.86 2.85
N ILE A 221 -10.44 2.93 2.10
CA ILE A 221 -11.37 1.76 1.93
C ILE A 221 -12.13 1.93 0.61
N VAL A 222 -12.40 0.80 -0.06
CA VAL A 222 -13.25 0.72 -1.28
C VAL A 222 -14.50 -0.10 -0.95
N VAL A 223 -15.68 0.50 -1.13
CA VAL A 223 -17.01 -0.15 -0.86
C VAL A 223 -17.70 -0.46 -2.19
N ASP A 224 -18.06 -1.73 -2.41
CA ASP A 224 -18.80 -2.20 -3.62
C ASP A 224 -20.29 -2.26 -3.26
N SER A 225 -21.15 -1.62 -4.03
CA SER A 225 -22.64 -1.69 -3.88
C SER A 225 -23.13 -3.13 -4.13
N GLY A 226 -22.50 -3.85 -5.04
CA GLY A 226 -23.03 -5.15 -5.53
C GLY A 226 -24.19 -4.93 -6.47
N LYS A 227 -24.36 -3.70 -6.98
CA LYS A 227 -25.56 -3.26 -7.74
C LYS A 227 -25.24 -3.14 -9.24
N PHE A 228 -23.97 -3.27 -9.64
CA PHE A 228 -23.56 -3.09 -11.05
C PHE A 228 -23.41 -4.44 -11.74
N GLU A 229 -24.18 -4.65 -12.82
CA GLU A 229 -24.10 -5.82 -13.75
C GLU A 229 -22.84 -5.65 -14.59
N TRP A 230 -21.80 -6.44 -14.29
CA TRP A 230 -20.48 -6.38 -14.98
C TRP A 230 -20.66 -6.94 -16.39
N ASN A 231 -20.32 -6.14 -17.39
CA ASN A 231 -20.65 -6.37 -18.82
C ASN A 231 -19.35 -6.54 -19.60
N GLU A 232 -19.45 -6.60 -20.94
CA GLU A 232 -18.35 -6.98 -21.87
C GLU A 232 -17.28 -5.88 -21.91
N LYS A 233 -17.56 -4.69 -21.35
CA LYS A 233 -16.55 -3.60 -21.16
C LYS A 233 -15.59 -3.97 -20.02
N PHE A 234 -15.91 -4.99 -19.22
CA PHE A 234 -15.12 -5.42 -18.04
C PHE A 234 -14.79 -6.92 -18.15
N PRO A 235 -14.00 -7.34 -19.16
CA PRO A 235 -13.79 -8.76 -19.46
C PRO A 235 -13.12 -9.54 -18.31
N ASP A 236 -12.26 -8.88 -17.53
CA ASP A 236 -11.50 -9.51 -16.40
C ASP A 236 -12.47 -9.92 -15.28
N LEU A 237 -13.72 -9.45 -15.32
CA LEU A 237 -14.75 -9.76 -14.28
C LEU A 237 -15.70 -10.87 -14.75
N ILE A 238 -15.83 -11.08 -16.07
CA ILE A 238 -16.79 -12.08 -16.63
C ILE A 238 -16.06 -13.20 -17.38
N GLN A 239 -14.72 -13.19 -17.39
CA GLN A 239 -13.91 -14.20 -18.13
C GLN A 239 -12.89 -14.85 -17.20
N PRO A 240 -12.49 -16.11 -17.48
CA PRO A 240 -11.47 -16.82 -16.70
C PRO A 240 -10.24 -15.97 -16.36
N ASP A 241 -9.87 -15.90 -15.07
CA ASP A 241 -8.63 -15.24 -14.59
C ASP A 241 -7.52 -16.27 -14.51
N PRO A 242 -6.47 -16.16 -15.37
CA PRO A 242 -5.40 -17.16 -15.41
C PRO A 242 -4.53 -17.21 -14.13
N SER A 243 -4.53 -16.17 -13.30
CA SER A 243 -3.80 -16.12 -12.01
C SER A 243 -4.44 -17.08 -10.98
N TYR A 244 -5.75 -17.33 -11.07
CA TYR A 244 -6.50 -18.24 -10.15
C TYR A 244 -6.99 -19.51 -10.89
N HIS A 245 -6.36 -19.82 -12.03
CA HIS A 245 -6.63 -21.04 -12.85
C HIS A 245 -8.05 -20.96 -13.42
N GLY A 246 -8.35 -19.88 -14.15
CA GLY A 246 -9.58 -19.71 -14.95
C GLY A 246 -10.81 -19.50 -14.10
N LEU A 247 -10.63 -18.84 -12.95
CA LEU A 247 -11.75 -18.44 -12.05
C LEU A 247 -12.51 -17.28 -12.68
N ILE A 248 -13.85 -17.35 -12.69
CA ILE A 248 -14.74 -16.24 -13.14
C ILE A 248 -15.36 -15.58 -11.91
N TYR A 249 -15.07 -14.29 -11.68
CA TYR A 249 -15.43 -13.57 -10.43
C TYR A 249 -16.95 -13.44 -10.30
N THR A 250 -17.71 -13.24 -11.39
CA THR A 250 -19.18 -13.05 -11.34
C THR A 250 -19.90 -14.39 -11.08
N LYS A 251 -19.27 -15.51 -11.41
CA LYS A 251 -19.78 -16.88 -11.11
C LYS A 251 -19.56 -17.17 -9.62
N GLU A 252 -18.30 -17.09 -9.16
CA GLU A 252 -17.85 -17.52 -7.82
C GLU A 252 -18.33 -16.56 -6.72
N PHE A 253 -18.32 -15.25 -6.98
CA PHE A 253 -18.56 -14.20 -5.94
C PHE A 253 -19.88 -13.44 -6.17
N GLY A 254 -20.71 -13.89 -7.11
CA GLY A 254 -22.06 -13.34 -7.33
C GLY A 254 -22.02 -11.84 -7.56
N ASN A 255 -22.78 -11.07 -6.77
CA ASN A 255 -22.89 -9.59 -6.90
C ASN A 255 -21.64 -8.90 -6.33
N ALA A 256 -20.73 -9.65 -5.69
CA ALA A 256 -19.53 -9.12 -4.99
C ALA A 256 -18.27 -9.32 -5.85
N ALA A 257 -18.44 -9.64 -7.14
CA ALA A 257 -17.36 -9.93 -8.10
C ALA A 257 -16.24 -8.85 -8.05
N TYR A 258 -16.60 -7.57 -8.09
CA TYR A 258 -15.66 -6.42 -8.17
C TYR A 258 -14.74 -6.39 -6.95
N ILE A 259 -15.31 -6.46 -5.75
CA ILE A 259 -14.55 -6.27 -4.49
C ILE A 259 -13.72 -7.52 -4.19
N ALA A 260 -14.22 -8.71 -4.56
CA ALA A 260 -13.47 -9.98 -4.45
C ALA A 260 -12.22 -9.90 -5.33
N LYS A 261 -12.36 -9.46 -6.60
CA LYS A 261 -11.26 -9.31 -7.58
C LYS A 261 -10.25 -8.29 -7.04
N LEU A 262 -10.72 -7.16 -6.50
CA LEU A 262 -9.85 -6.11 -5.92
C LEU A 262 -8.97 -6.75 -4.84
N ARG A 263 -9.55 -7.55 -3.95
CA ARG A 263 -8.78 -8.22 -2.87
C ARG A 263 -7.78 -9.22 -3.47
N LEU A 264 -8.24 -10.08 -4.38
CA LEU A 264 -7.51 -11.29 -4.83
C LEU A 264 -6.39 -10.92 -5.81
N THR A 265 -6.51 -9.81 -6.55
CA THR A 265 -5.52 -9.36 -7.55
C THR A 265 -4.72 -8.18 -7.01
N LEU A 266 -5.35 -7.04 -6.72
CA LEU A 266 -4.64 -5.76 -6.47
C LEU A 266 -4.06 -5.73 -5.05
N LEU A 267 -4.80 -6.17 -4.05
CA LEU A 267 -4.28 -6.24 -2.65
C LEU A 267 -3.17 -7.30 -2.60
N ARG A 268 -3.36 -8.43 -3.28
CA ARG A 268 -2.33 -9.51 -3.33
C ARG A 268 -1.05 -8.98 -4.00
N ASP A 269 -1.18 -8.30 -5.16
CA ASP A 269 -0.06 -7.98 -6.09
C ASP A 269 0.64 -6.67 -5.71
N ILE A 270 -0.08 -5.60 -5.37
CA ILE A 270 0.55 -4.28 -5.05
C ILE A 270 0.75 -4.14 -3.53
N GLY A 271 -0.12 -4.72 -2.70
CA GLY A 271 0.09 -4.86 -1.25
C GLY A 271 0.02 -3.54 -0.51
N ALA A 272 -0.93 -2.69 -0.87
CA ALA A 272 -1.27 -1.45 -0.14
C ALA A 272 -2.21 -1.83 1.01
N CYS A 273 -1.74 -2.62 1.96
N CYS A 273 -1.69 -2.62 1.96
CA CYS A 273 -2.56 -3.21 3.05
CA CYS A 273 -2.39 -3.26 3.11
C CYS A 273 -2.49 -2.32 4.30
C CYS A 273 -2.49 -2.27 4.29
N LEU A 274 -3.58 -2.33 5.07
CA LEU A 274 -3.74 -1.52 6.29
C LEU A 274 -3.23 -2.34 7.47
N SER A 275 -2.35 -1.77 8.30
CA SER A 275 -1.89 -2.45 9.54
C SER A 275 -3.11 -2.72 10.41
N PRO A 276 -3.19 -3.87 11.09
CA PRO A 276 -4.29 -4.12 12.02
C PRO A 276 -4.42 -3.06 13.13
N PHE A 277 -3.29 -2.48 13.54
CA PHE A 277 -3.23 -1.41 14.58
C PHE A 277 -4.01 -0.18 14.08
N ASN A 278 -3.82 0.16 12.81
CA ASN A 278 -4.51 1.29 12.16
C ASN A 278 -6.02 0.97 12.07
N SER A 279 -6.38 -0.24 11.65
CA SER A 279 -7.80 -0.67 11.57
C SER A 279 -8.46 -0.49 12.95
N PHE A 280 -7.78 -0.95 14.00
CA PHE A 280 -8.20 -0.84 15.41
C PHE A 280 -8.55 0.62 15.74
N LEU A 281 -7.62 1.54 15.48
CA LEU A 281 -7.76 2.97 15.88
C LEU A 281 -8.91 3.60 15.08
N VAL A 282 -9.04 3.26 13.81
CA VAL A 282 -10.09 3.82 12.92
C VAL A 282 -11.45 3.36 13.47
N LEU A 283 -11.55 2.09 13.88
CA LEU A 283 -12.78 1.54 14.53
C LEU A 283 -13.17 2.34 15.78
N LEU A 284 -12.20 2.78 16.61
CA LEU A 284 -12.51 3.64 17.79
C LEU A 284 -13.22 4.91 17.33
N GLY A 285 -12.79 5.49 16.21
CA GLY A 285 -13.43 6.67 15.59
C GLY A 285 -14.83 6.36 15.07
N VAL A 286 -15.00 5.25 14.34
CA VAL A 286 -16.31 4.90 13.72
C VAL A 286 -17.34 4.67 14.84
N GLU A 287 -16.91 4.19 16.00
CA GLU A 287 -17.79 3.96 17.17
C GLU A 287 -18.58 5.23 17.51
N THR A 288 -18.04 6.43 17.26
CA THR A 288 -18.65 7.74 17.64
C THR A 288 -19.01 8.59 16.41
N LEU A 289 -19.00 7.99 15.21
CA LEU A 289 -19.11 8.71 13.91
C LEU A 289 -20.32 9.66 13.93
N SER A 290 -21.54 9.17 14.19
CA SER A 290 -22.79 9.99 14.17
C SER A 290 -22.65 11.20 15.09
N LEU A 291 -22.14 10.97 16.30
CA LEU A 291 -21.97 12.00 17.36
C LEU A 291 -20.95 13.04 16.90
N ARG A 292 -19.79 12.62 16.43
CA ARG A 292 -18.73 13.58 15.96
C ARG A 292 -19.28 14.40 14.77
N MET A 293 -19.82 13.71 13.75
CA MET A 293 -20.25 14.34 12.47
C MET A 293 -21.42 15.31 12.74
N GLN A 294 -22.37 14.98 13.61
CA GLN A 294 -23.49 15.91 13.91
C GLN A 294 -22.91 17.20 14.53
N LYS A 295 -21.90 17.09 15.40
CA LYS A 295 -21.26 18.24 16.07
C LYS A 295 -20.46 19.03 15.03
N HIS A 296 -19.75 18.34 14.13
CA HIS A 296 -18.98 18.97 13.03
C HIS A 296 -19.91 19.91 12.22
N VAL A 297 -21.08 19.43 11.80
CA VAL A 297 -21.96 20.18 10.86
C VAL A 297 -22.65 21.32 11.61
N ASP A 298 -23.08 21.10 12.85
CA ASP A 298 -23.74 22.15 13.68
C ASP A 298 -22.76 23.30 13.87
N ASN A 299 -21.49 22.99 14.14
CA ASN A 299 -20.39 23.97 14.33
C ASN A 299 -20.06 24.70 13.02
N ALA A 300 -19.95 23.97 11.91
CA ALA A 300 -19.64 24.55 10.59
C ALA A 300 -20.73 25.54 10.19
N MET A 301 -22.01 25.17 10.30
CA MET A 301 -23.14 26.03 9.88
C MET A 301 -23.15 27.32 10.72
N LYS A 302 -22.94 27.21 12.03
CA LYS A 302 -22.95 28.39 12.94
C LYS A 302 -21.77 29.31 12.60
N LEU A 303 -20.59 28.77 12.31
CA LEU A 303 -19.37 29.56 12.06
C LEU A 303 -19.48 30.20 10.67
N ALA A 304 -20.02 29.46 9.71
CA ALA A 304 -20.29 29.95 8.33
C ALA A 304 -21.27 31.13 8.41
N LYS A 305 -22.36 31.01 9.19
CA LYS A 305 -23.39 32.08 9.30
C LYS A 305 -22.78 33.30 10.02
N PHE A 306 -21.87 33.09 10.97
CA PHE A 306 -21.19 34.18 11.72
C PHE A 306 -20.30 34.98 10.75
N LEU A 307 -19.48 34.30 9.96
CA LEU A 307 -18.51 34.95 9.03
C LEU A 307 -19.27 35.64 7.88
N ASN A 308 -20.41 35.07 7.44
CA ASN A 308 -21.19 35.52 6.26
C ASN A 308 -21.96 36.80 6.59
N ASP A 309 -21.94 37.23 7.85
CA ASP A 309 -22.59 38.47 8.35
C ASP A 309 -21.57 39.45 8.94
N HIS A 310 -20.28 39.12 8.91
CA HIS A 310 -19.19 39.90 9.58
C HIS A 310 -18.70 41.02 8.65
N PRO A 311 -18.49 42.25 9.19
CA PRO A 311 -18.01 43.37 8.36
C PRO A 311 -16.56 43.27 7.88
N LYS A 312 -15.74 42.43 8.51
CA LYS A 312 -14.32 42.22 8.14
C LYS A 312 -14.18 41.12 7.09
N VAL A 313 -15.29 40.46 6.71
CA VAL A 313 -15.30 39.31 5.76
C VAL A 313 -15.97 39.73 4.45
N GLU A 314 -15.34 39.42 3.31
CA GLU A 314 -15.81 39.80 1.95
C GLU A 314 -16.83 38.77 1.46
N TRP A 315 -16.47 37.49 1.50
CA TRP A 315 -17.29 36.37 0.97
C TRP A 315 -17.09 35.11 1.82
N VAL A 316 -18.09 34.23 1.81
CA VAL A 316 -18.07 32.89 2.45
C VAL A 316 -18.67 31.89 1.46
N ASN A 317 -17.97 30.78 1.22
CA ASN A 317 -18.39 29.73 0.25
C ASN A 317 -18.71 28.45 1.03
N TYR A 318 -19.98 28.27 1.38
CA TYR A 318 -20.54 27.07 2.07
C TYR A 318 -21.93 26.83 1.49
N PRO A 319 -22.24 25.61 0.99
CA PRO A 319 -23.52 25.33 0.34
C PRO A 319 -24.79 25.61 1.16
N ALA A 320 -24.72 25.51 2.48
CA ALA A 320 -25.88 25.68 3.38
C ALA A 320 -26.30 27.15 3.53
N LEU A 321 -25.48 28.12 3.07
CA LEU A 321 -25.81 29.57 3.11
C LEU A 321 -26.73 29.90 1.94
N GLU A 322 -27.89 30.51 2.20
CA GLU A 322 -28.81 31.03 1.17
C GLU A 322 -27.99 31.83 0.14
N GLY A 323 -28.22 31.59 -1.15
CA GLY A 323 -27.54 32.28 -2.26
C GLY A 323 -26.50 31.43 -2.94
N ASN A 324 -25.86 30.49 -2.22
CA ASN A 324 -24.82 29.59 -2.77
C ASN A 324 -25.41 28.79 -3.94
N LYS A 325 -24.67 28.65 -5.03
CA LYS A 325 -25.10 27.88 -6.23
C LYS A 325 -25.56 26.46 -5.84
N TYR A 326 -24.98 25.87 -4.80
CA TYR A 326 -25.20 24.43 -4.45
C TYR A 326 -26.23 24.29 -3.32
N TYR A 327 -26.90 25.38 -2.93
CA TYR A 327 -27.92 25.40 -1.84
C TYR A 327 -29.01 24.36 -2.10
N GLU A 328 -29.56 24.31 -3.31
CA GLU A 328 -30.68 23.39 -3.68
C GLU A 328 -30.18 21.95 -3.68
N LEU A 329 -28.89 21.73 -3.98
CA LEU A 329 -28.25 20.39 -4.02
C LEU A 329 -27.84 19.94 -2.61
N TYR A 330 -27.56 20.89 -1.70
CA TYR A 330 -27.33 20.61 -0.26
C TYR A 330 -28.61 20.05 0.37
N LYS A 331 -29.73 20.75 0.15
CA LYS A 331 -31.05 20.41 0.74
C LYS A 331 -31.52 19.03 0.24
N LYS A 332 -31.23 18.69 -1.02
CA LYS A 332 -31.65 17.40 -1.63
C LYS A 332 -30.76 16.25 -1.13
N TYR A 333 -29.44 16.38 -1.27
CA TYR A 333 -28.46 15.26 -1.11
C TYR A 333 -27.87 15.26 0.31
N LEU A 334 -27.68 16.42 0.94
CA LEU A 334 -26.97 16.53 2.25
C LEU A 334 -27.79 17.32 3.26
N PRO A 335 -29.07 16.93 3.53
CA PRO A 335 -29.95 17.74 4.38
C PRO A 335 -29.43 17.95 5.81
N LYS A 336 -28.66 17.00 6.36
CA LYS A 336 -28.13 17.07 7.75
C LYS A 336 -27.02 18.13 7.83
N GLY A 337 -26.45 18.54 6.69
CA GLY A 337 -25.36 19.53 6.63
C GLY A 337 -24.32 19.13 5.59
N PRO A 338 -23.87 20.07 4.73
CA PRO A 338 -23.00 19.74 3.61
C PRO A 338 -21.52 19.70 4.03
N GLY A 339 -21.18 18.75 4.91
CA GLY A 339 -19.84 18.59 5.51
C GLY A 339 -19.52 19.74 6.45
N ALA A 340 -18.27 19.85 6.85
CA ALA A 340 -17.76 20.80 7.88
C ALA A 340 -16.56 21.58 7.36
N ILE A 341 -16.32 21.53 6.05
CA ILE A 341 -15.23 22.27 5.35
C ILE A 341 -15.85 23.36 4.47
N PHE A 342 -15.35 24.58 4.61
CA PHE A 342 -15.81 25.77 3.83
C PHE A 342 -14.66 26.77 3.76
N THR A 343 -14.67 27.62 2.73
CA THR A 343 -13.67 28.71 2.53
C THR A 343 -14.34 30.07 2.75
N PHE A 344 -13.54 31.07 3.08
CA PHE A 344 -13.97 32.49 3.19
C PHE A 344 -12.81 33.39 2.79
N GLY A 345 -13.15 34.62 2.40
CA GLY A 345 -12.18 35.67 2.05
C GLY A 345 -12.34 36.86 3.00
N PRO A 346 -11.35 37.13 3.88
CA PRO A 346 -11.35 38.37 4.65
C PRO A 346 -11.14 39.55 3.70
N LYS A 347 -11.64 40.74 4.05
CA LYS A 347 -11.28 42.01 3.36
C LYS A 347 -9.81 42.30 3.68
N GLY A 348 -9.05 42.83 2.71
CA GLY A 348 -7.61 43.16 2.86
C GLY A 348 -6.73 42.20 2.07
N GLY A 349 -7.36 41.22 1.38
CA GLY A 349 -6.69 40.34 0.39
C GLY A 349 -5.70 39.38 1.04
N TYR A 350 -4.64 39.07 0.30
CA TYR A 350 -3.58 38.07 0.63
C TYR A 350 -2.96 38.37 2.00
N ASP A 351 -2.53 39.62 2.25
CA ASP A 351 -1.78 40.00 3.48
C ASP A 351 -2.68 39.87 4.72
N ALA A 352 -3.99 40.13 4.59
CA ALA A 352 -4.99 39.99 5.68
C ALA A 352 -5.14 38.51 6.04
N ALA A 353 -5.31 37.66 5.04
CA ALA A 353 -5.44 36.19 5.20
C ALA A 353 -4.26 35.66 6.01
N LYS A 354 -3.04 36.13 5.73
CA LYS A 354 -1.79 35.63 6.34
C LYS A 354 -1.75 36.04 7.82
N LYS A 355 -2.15 37.28 8.11
CA LYS A 355 -2.28 37.83 9.49
C LYS A 355 -3.24 36.94 10.30
N ILE A 356 -4.33 36.49 9.68
CA ILE A 356 -5.34 35.61 10.33
C ILE A 356 -4.69 34.28 10.71
N ILE A 357 -4.04 33.58 9.76
CA ILE A 357 -3.28 32.32 9.99
C ILE A 357 -2.34 32.49 11.19
N ASN A 358 -1.64 33.63 11.26
CA ASN A 358 -0.54 33.87 12.23
C ASN A 358 -1.08 34.29 13.60
N ASN A 359 -2.39 34.59 13.70
CA ASN A 359 -2.99 35.17 14.93
C ASN A 359 -4.00 34.22 15.59
N VAL A 360 -4.53 33.21 14.91
CA VAL A 360 -5.41 32.17 15.54
C VAL A 360 -4.57 31.36 16.54
N LYS A 361 -5.17 31.00 17.69
CA LYS A 361 -4.53 30.28 18.81
C LYS A 361 -5.16 28.89 19.01
N LEU A 362 -6.41 28.68 18.56
CA LEU A 362 -7.17 27.43 18.77
C LEU A 362 -7.20 26.62 17.47
N PHE A 363 -7.50 27.26 16.33
CA PHE A 363 -7.35 26.63 14.99
C PHE A 363 -5.87 26.26 14.83
N SER A 364 -5.61 25.06 14.31
CA SER A 364 -4.25 24.52 14.05
C SER A 364 -3.91 24.75 12.58
N HIS A 365 -2.73 25.30 12.31
CA HIS A 365 -2.22 25.64 10.96
C HIS A 365 -1.56 24.40 10.34
N LEU A 366 -2.23 23.72 9.41
CA LEU A 366 -1.69 22.53 8.70
C LEU A 366 -2.59 22.19 7.50
N ALA A 367 -2.10 21.29 6.65
CA ALA A 367 -2.52 21.04 5.25
C ALA A 367 -3.71 20.07 5.17
N ASN A 368 -3.95 19.31 6.24
CA ASN A 368 -4.92 18.19 6.31
C ASN A 368 -6.31 18.74 6.64
N VAL A 369 -7.35 17.91 6.49
CA VAL A 369 -8.76 18.18 6.93
C VAL A 369 -9.27 16.95 7.69
N GLY A 370 -10.42 17.07 8.37
CA GLY A 370 -11.20 15.94 8.91
C GLY A 370 -10.76 15.45 10.28
N ASP A 371 -10.04 16.26 11.05
CA ASP A 371 -9.65 15.96 12.46
C ASP A 371 -10.81 16.38 13.38
N ALA A 372 -10.88 15.85 14.60
CA ALA A 372 -11.77 16.39 15.66
C ALA A 372 -11.35 17.84 15.93
N LYS A 373 -10.05 18.15 15.87
CA LYS A 373 -9.54 19.52 16.10
C LYS A 373 -9.81 20.39 14.86
N SER A 374 -10.12 21.68 15.08
CA SER A 374 -10.34 22.71 14.04
C SER A 374 -9.01 23.02 13.33
N LEU A 375 -9.07 23.17 11.99
CA LEU A 375 -7.87 23.30 11.12
C LEU A 375 -8.04 24.50 10.18
N ILE A 376 -6.95 25.22 9.95
CA ILE A 376 -6.95 26.44 9.09
C ILE A 376 -5.75 26.34 8.15
N ILE A 377 -5.91 26.84 6.92
CA ILE A 377 -4.80 26.97 5.93
C ILE A 377 -5.11 28.13 4.99
N HIS A 378 -4.06 28.86 4.59
CA HIS A 378 -4.07 29.91 3.54
C HIS A 378 -3.35 29.34 2.32
N PRO A 379 -4.04 28.60 1.42
CA PRO A 379 -3.35 27.83 0.40
C PRO A 379 -2.41 28.66 -0.48
N ALA A 380 -2.71 29.94 -0.72
CA ALA A 380 -1.92 30.80 -1.64
C ALA A 380 -0.54 31.13 -1.05
N SER A 381 -0.39 31.08 0.29
CA SER A 381 0.88 31.39 1.00
C SER A 381 1.65 30.13 1.40
N THR A 382 1.04 28.93 1.27
CA THR A 382 1.65 27.63 1.64
C THR A 382 1.51 26.62 0.49
N THR A 383 0.43 25.83 0.43
CA THR A 383 0.29 24.68 -0.50
C THR A 383 0.53 25.11 -1.95
N HIS A 384 0.06 26.29 -2.35
CA HIS A 384 0.00 26.74 -3.77
C HIS A 384 0.98 27.89 -4.03
N GLN A 385 1.89 28.17 -3.09
CA GLN A 385 2.83 29.34 -3.13
C GLN A 385 3.72 29.31 -4.38
N GLN A 386 4.08 28.14 -4.90
CA GLN A 386 5.03 27.96 -6.04
C GLN A 386 4.37 28.36 -7.36
N LEU A 387 3.02 28.36 -7.42
CA LEU A 387 2.22 28.63 -8.65
C LEU A 387 1.96 30.13 -8.82
N THR A 388 1.66 30.56 -10.06
CA THR A 388 1.23 31.95 -10.40
C THR A 388 -0.21 32.14 -9.94
N GLU A 389 -0.68 33.39 -9.84
CA GLU A 389 -2.09 33.69 -9.45
C GLU A 389 -3.05 33.14 -10.51
N GLU A 390 -2.67 33.23 -11.79
CA GLU A 390 -3.46 32.66 -12.92
C GLU A 390 -3.61 31.15 -12.69
N GLU A 391 -2.48 30.47 -12.42
CA GLU A 391 -2.42 29.02 -12.09
C GLU A 391 -3.25 28.73 -10.83
N GLN A 392 -3.14 29.56 -9.78
CA GLN A 392 -3.90 29.39 -8.50
C GLN A 392 -5.40 29.50 -8.75
N ARG A 393 -5.83 30.55 -9.49
CA ARG A 393 -7.26 30.84 -9.79
C ARG A 393 -7.86 29.66 -10.57
N ALA A 394 -7.13 29.18 -11.57
CA ALA A 394 -7.47 28.00 -12.41
C ALA A 394 -7.70 26.76 -11.52
N ALA A 395 -6.94 26.63 -10.42
CA ALA A 395 -7.02 25.53 -9.43
C ALA A 395 -8.09 25.81 -8.37
N GLY A 396 -8.80 26.95 -8.47
CA GLY A 396 -9.88 27.34 -7.55
C GLY A 396 -9.37 28.04 -6.32
N VAL A 397 -8.12 28.52 -6.31
CA VAL A 397 -7.49 29.22 -5.16
C VAL A 397 -7.44 30.73 -5.46
N LEU A 398 -8.09 31.55 -4.62
CA LEU A 398 -8.02 33.03 -4.68
C LEU A 398 -6.97 33.50 -3.69
N PRO A 399 -6.39 34.70 -3.87
CA PRO A 399 -5.36 35.21 -2.96
C PRO A 399 -5.79 35.32 -1.50
N GLU A 400 -7.07 35.61 -1.25
CA GLU A 400 -7.60 35.91 0.10
C GLU A 400 -8.21 34.65 0.75
N MET A 401 -8.51 33.61 -0.05
CA MET A 401 -9.16 32.34 0.36
C MET A 401 -8.45 31.70 1.56
N ILE A 402 -9.20 31.51 2.64
CA ILE A 402 -8.82 30.65 3.79
C ILE A 402 -9.75 29.44 3.80
N ARG A 403 -9.20 28.23 3.98
CA ARG A 403 -10.01 27.00 4.14
C ARG A 403 -10.08 26.67 5.62
N LEU A 404 -11.29 26.47 6.14
CA LEU A 404 -11.54 25.94 7.51
C LEU A 404 -12.00 24.48 7.41
N SER A 405 -11.45 23.63 8.28
CA SER A 405 -12.01 22.31 8.65
C SER A 405 -12.53 22.43 10.09
N VAL A 406 -13.85 22.54 10.25
CA VAL A 406 -14.45 22.93 11.56
C VAL A 406 -14.53 21.68 12.44
N GLY A 407 -13.84 21.71 13.59
CA GLY A 407 -13.81 20.63 14.58
C GLY A 407 -15.01 20.66 15.50
N ILE A 408 -14.89 20.04 16.68
CA ILE A 408 -16.01 19.75 17.62
C ILE A 408 -15.75 20.45 18.95
N GLU A 409 -14.89 21.48 18.95
CA GLU A 409 -14.70 22.39 20.11
C GLU A 409 -16.02 23.13 20.36
N ASP A 410 -16.16 23.81 21.50
CA ASP A 410 -17.25 24.80 21.74
C ASP A 410 -17.23 25.83 20.61
N ILE A 411 -18.38 26.06 19.98
CA ILE A 411 -18.54 27.06 18.89
C ILE A 411 -18.19 28.47 19.41
N GLU A 412 -18.43 28.78 20.68
CA GLU A 412 -18.11 30.13 21.23
C GLU A 412 -16.59 30.35 21.15
N ASP A 413 -15.79 29.35 21.47
CA ASP A 413 -14.30 29.43 21.45
C ASP A 413 -13.78 29.59 20.01
N LEU A 414 -14.42 28.94 19.02
CA LEU A 414 -14.00 29.01 17.59
C LEU A 414 -14.33 30.39 17.01
N ILE A 415 -15.53 30.88 17.32
CA ILE A 415 -15.99 32.26 16.98
C ILE A 415 -15.04 33.28 17.63
N TYR A 416 -14.77 33.18 18.92
CA TYR A 416 -13.84 34.08 19.63
C TYR A 416 -12.47 34.08 18.94
N ASP A 417 -11.91 32.91 18.66
CA ASP A 417 -10.54 32.75 18.11
C ASP A 417 -10.41 33.49 16.76
N ILE A 418 -11.36 33.26 15.85
CA ILE A 418 -11.38 33.86 14.48
C ILE A 418 -11.74 35.34 14.58
N GLU A 419 -12.75 35.70 15.39
CA GLU A 419 -13.18 37.12 15.58
C GLU A 419 -11.99 37.95 16.09
N SER A 420 -11.21 37.38 17.00
CA SER A 420 -10.01 38.03 17.59
C SER A 420 -8.97 38.28 16.49
N ALA A 421 -8.69 37.29 15.65
CA ALA A 421 -7.76 37.37 14.50
C ALA A 421 -8.27 38.41 13.49
N LEU A 422 -9.55 38.34 13.11
CA LEU A 422 -10.20 39.31 12.19
C LEU A 422 -9.91 40.73 12.69
N ASN A 423 -9.96 40.97 13.99
CA ASN A 423 -9.59 42.28 14.60
C ASN A 423 -8.06 42.30 14.79
N LYS B 5 32.95 5.83 11.99
CA LYS B 5 32.81 4.58 11.16
C LYS B 5 32.48 3.38 12.06
N TYR B 6 31.19 3.03 12.23
CA TYR B 6 30.69 2.01 13.18
C TYR B 6 30.45 0.68 12.46
N GLY B 7 30.46 -0.43 13.23
CA GLY B 7 30.25 -1.80 12.73
C GLY B 7 28.77 -2.15 12.68
N PHE B 8 28.45 -3.30 12.08
CA PHE B 8 27.07 -3.71 11.72
C PHE B 8 26.17 -3.70 12.96
N ASP B 9 26.62 -4.30 14.07
CA ASP B 9 25.81 -4.49 15.31
C ASP B 9 25.45 -3.12 15.91
N THR B 10 26.32 -2.13 15.75
CA THR B 10 26.11 -0.76 16.28
C THR B 10 25.06 -0.04 15.42
N LEU B 11 25.22 -0.09 14.10
CA LEU B 11 24.29 0.55 13.12
C LEU B 11 22.90 -0.06 13.26
N GLN B 12 22.80 -1.39 13.41
CA GLN B 12 21.49 -2.11 13.46
C GLN B 12 20.71 -1.66 14.70
N LEU B 13 21.43 -1.11 15.67
CA LEU B 13 20.88 -0.67 16.98
C LEU B 13 20.69 0.85 17.01
N HIS B 14 21.55 1.62 16.32
CA HIS B 14 21.73 3.09 16.53
C HIS B 14 21.49 3.93 15.27
N ALA B 15 21.65 3.41 14.05
CA ALA B 15 21.64 4.20 12.79
C ALA B 15 20.25 4.84 12.57
N GLY B 16 20.24 6.13 12.22
CA GLY B 16 19.03 6.88 11.84
C GLY B 16 18.26 7.39 13.04
N GLN B 17 18.69 7.04 14.27
CA GLN B 17 17.96 7.32 15.54
C GLN B 17 18.55 8.57 16.21
N PHE B 18 17.78 9.65 16.22
CA PHE B 18 18.08 10.92 16.93
C PHE B 18 17.40 10.88 18.30
N VAL B 19 17.96 11.59 19.27
CA VAL B 19 17.27 11.90 20.56
C VAL B 19 16.38 13.12 20.32
N ASP B 20 15.07 12.95 20.50
CA ASP B 20 14.01 14.00 20.46
C ASP B 20 14.41 15.13 21.43
N ARG B 21 14.31 16.37 20.98
CA ARG B 21 14.70 17.60 21.73
C ARG B 21 13.57 18.05 22.67
N GLU B 22 12.33 17.58 22.47
CA GLU B 22 11.21 17.79 23.43
C GLU B 22 11.44 16.98 24.71
N THR B 23 11.46 15.65 24.60
CA THR B 23 11.35 14.67 25.72
C THR B 23 12.71 14.00 25.99
N LYS B 24 13.59 13.94 24.97
CA LYS B 24 14.91 13.26 25.04
C LYS B 24 14.73 11.75 25.26
N SER B 25 13.58 11.17 24.86
CA SER B 25 13.26 9.72 24.99
C SER B 25 14.35 8.86 24.32
N ARG B 26 14.80 7.77 24.97
CA ARG B 26 15.86 6.91 24.37
C ARG B 26 15.25 5.97 23.33
N ALA B 27 14.02 5.52 23.55
CA ALA B 27 13.27 4.68 22.59
C ALA B 27 12.75 5.56 21.45
N VAL B 28 12.52 4.96 20.28
CA VAL B 28 11.94 5.67 19.11
C VAL B 28 10.46 5.89 19.40
N PRO B 29 10.02 7.14 19.62
CA PRO B 29 8.61 7.41 19.86
C PRO B 29 7.78 6.91 18.67
N ILE B 30 6.53 6.51 18.93
CA ILE B 30 5.54 6.12 17.88
C ILE B 30 4.72 7.37 17.52
N TYR B 31 5.05 8.01 16.39
CA TYR B 31 4.35 9.22 15.89
C TYR B 31 3.13 8.77 15.08
N GLN B 32 2.10 8.29 15.77
CA GLN B 32 0.82 7.85 15.18
C GLN B 32 -0.03 9.10 14.94
N THR B 33 0.34 9.89 13.94
CA THR B 33 -0.28 11.20 13.56
C THR B 33 -0.51 11.21 12.04
N THR B 34 -1.54 11.89 11.56
CA THR B 34 -1.79 12.07 10.11
C THR B 34 -1.05 13.32 9.62
N SER B 35 -0.77 14.27 10.51
CA SER B 35 -0.39 15.65 10.12
C SER B 35 0.48 16.34 11.18
N TYR B 36 1.12 17.41 10.74
CA TYR B 36 2.15 18.21 11.46
C TYR B 36 1.84 19.69 11.21
N ILE B 37 2.00 20.52 12.24
CA ILE B 37 1.80 21.99 12.19
C ILE B 37 2.93 22.60 11.35
N PHE B 38 2.62 23.62 10.55
CA PHE B 38 3.61 24.36 9.73
C PHE B 38 4.23 25.49 10.56
N GLU B 39 5.53 25.75 10.36
CA GLU B 39 6.24 26.96 10.86
C GLU B 39 5.96 28.15 9.93
N ILE B 60 4.47 12.08 2.19
CA ILE B 60 5.85 12.66 2.35
C ILE B 60 6.69 11.68 3.18
N GLY B 61 6.42 11.59 4.49
CA GLY B 61 7.25 10.82 5.46
C GLY B 61 6.71 10.92 6.88
N ASN B 62 7.38 10.22 7.80
CA ASN B 62 7.01 10.06 9.24
C ASN B 62 8.29 9.88 10.05
N PRO B 63 8.47 10.53 11.23
CA PRO B 63 9.75 10.49 11.95
C PRO B 63 10.11 9.11 12.55
N THR B 64 9.11 8.31 12.93
CA THR B 64 9.35 6.91 13.37
C THR B 64 9.86 6.14 12.16
N THR B 65 9.12 6.17 11.05
CA THR B 65 9.45 5.43 9.79
C THR B 65 10.83 5.88 9.27
N ASP B 66 11.11 7.19 9.34
CA ASP B 66 12.39 7.81 8.90
C ASP B 66 13.58 7.09 9.54
N VAL B 67 13.53 6.78 10.83
CA VAL B 67 14.63 6.07 11.55
C VAL B 67 14.91 4.74 10.86
N LEU B 68 13.86 3.96 10.61
CA LEU B 68 13.97 2.62 9.96
C LEU B 68 14.56 2.73 8.54
N GLU B 69 14.18 3.77 7.77
CA GLU B 69 14.65 3.99 6.38
C GLU B 69 16.17 4.24 6.38
N LYS B 70 16.62 5.18 7.20
CA LYS B 70 18.05 5.54 7.36
C LYS B 70 18.85 4.32 7.87
N ARG B 71 18.27 3.55 8.78
CA ARG B 71 18.92 2.38 9.41
C ARG B 71 19.21 1.32 8.34
N ILE B 72 18.23 1.00 7.48
CA ILE B 72 18.36 -0.03 6.42
C ILE B 72 19.33 0.51 5.34
N ALA B 73 19.25 1.80 5.03
CA ALA B 73 20.18 2.49 4.10
C ALA B 73 21.61 2.26 4.59
N ALA B 74 21.88 2.57 5.86
CA ALA B 74 23.21 2.49 6.49
C ALA B 74 23.72 1.04 6.48
N LEU B 75 22.82 0.08 6.72
CA LEU B 75 23.17 -1.36 6.82
C LEU B 75 23.59 -1.90 5.45
N ASP B 76 23.01 -1.37 4.37
CA ASP B 76 23.28 -1.83 2.97
C ASP B 76 24.36 -0.97 2.30
N GLY B 77 24.76 0.13 2.92
CA GLY B 77 25.64 1.15 2.31
C GLY B 77 24.94 1.95 1.23
N GLY B 78 23.63 2.22 1.38
CA GLY B 78 22.80 2.98 0.44
C GLY B 78 22.76 4.47 0.78
N VAL B 79 22.29 5.30 -0.15
CA VAL B 79 22.22 6.78 0.00
C VAL B 79 20.90 7.15 0.70
N GLY B 80 19.91 6.26 0.68
CA GLY B 80 18.59 6.49 1.30
C GLY B 80 17.63 5.36 0.98
N ALA B 81 16.47 5.32 1.64
CA ALA B 81 15.44 4.27 1.47
C ALA B 81 14.06 4.87 1.67
N VAL B 82 13.04 4.21 1.09
CA VAL B 82 11.59 4.52 1.27
C VAL B 82 10.88 3.26 1.77
N ALA B 83 10.27 3.33 2.95
CA ALA B 83 9.44 2.25 3.52
C ALA B 83 8.09 2.21 2.80
N THR B 84 7.51 1.00 2.66
CA THR B 84 6.20 0.74 2.04
C THR B 84 5.40 -0.18 2.96
N SER B 85 4.12 -0.35 2.65
CA SER B 85 3.12 -1.15 3.43
C SER B 85 3.39 -2.65 3.25
N SER B 86 4.17 -3.06 2.25
CA SER B 86 4.55 -4.48 2.04
C SER B 86 5.72 -4.62 1.06
N GLY B 87 6.41 -5.76 1.12
CA GLY B 87 7.40 -6.16 0.11
C GLY B 87 6.82 -6.01 -1.29
N GLN B 88 5.60 -6.53 -1.52
CA GLN B 88 4.87 -6.40 -2.81
C GLN B 88 4.87 -4.94 -3.27
N ALA B 89 4.52 -4.00 -2.38
CA ALA B 89 4.51 -2.54 -2.67
C ALA B 89 5.92 -2.03 -2.99
N ALA B 90 6.94 -2.45 -2.22
CA ALA B 90 8.35 -2.07 -2.43
C ALA B 90 8.78 -2.44 -3.87
N ILE B 91 8.46 -3.66 -4.29
CA ILE B 91 8.78 -4.18 -5.65
C ILE B 91 8.05 -3.34 -6.70
N THR B 92 6.74 -3.18 -6.54
CA THR B 92 5.86 -2.37 -7.43
C THR B 92 6.49 -0.98 -7.58
N TYR B 93 6.64 -0.25 -6.47
CA TYR B 93 7.28 1.09 -6.43
C TYR B 93 8.61 1.05 -7.18
N ALA B 94 9.47 0.06 -6.86
CA ALA B 94 10.86 -0.01 -7.36
C ALA B 94 10.86 -0.07 -8.89
N ILE B 95 9.91 -0.79 -9.48
CA ILE B 95 9.76 -0.93 -10.97
C ILE B 95 9.05 0.30 -11.53
N LEU B 96 7.89 0.68 -10.97
CA LEU B 96 7.03 1.77 -11.49
C LEU B 96 7.77 3.11 -11.45
N ASN B 97 8.82 3.23 -10.63
CA ASN B 97 9.63 4.48 -10.51
C ASN B 97 10.42 4.75 -11.80
N ILE B 98 10.71 3.72 -12.60
CA ILE B 98 11.62 3.79 -13.79
C ILE B 98 11.02 3.07 -15.02
N ALA B 99 9.79 2.58 -14.95
CA ALA B 99 9.11 1.91 -16.08
C ALA B 99 7.68 2.44 -16.17
N ARG B 100 7.18 2.60 -17.40
CA ARG B 100 5.77 2.98 -17.67
C ARG B 100 5.23 2.09 -18.79
N SER B 101 3.93 2.18 -19.07
CA SER B 101 3.24 1.42 -20.14
C SER B 101 4.10 1.45 -21.40
N GLY B 102 4.45 0.26 -21.92
CA GLY B 102 5.21 0.07 -23.16
C GLY B 102 6.66 -0.27 -22.92
N ASP B 103 7.09 -0.33 -21.64
CA ASP B 103 8.49 -0.63 -21.25
C ASP B 103 8.60 -2.12 -20.91
N GLU B 104 9.80 -2.58 -20.56
CA GLU B 104 10.09 -3.99 -20.23
C GLU B 104 11.04 -4.09 -19.02
N VAL B 105 10.89 -5.18 -18.27
CA VAL B 105 11.83 -5.61 -17.19
C VAL B 105 12.26 -7.03 -17.53
N VAL B 106 13.52 -7.37 -17.28
CA VAL B 106 14.03 -8.76 -17.37
C VAL B 106 14.15 -9.27 -15.93
N ALA B 107 13.41 -10.32 -15.59
CA ALA B 107 13.37 -10.91 -14.23
C ALA B 107 13.75 -12.39 -14.31
N ALA B 108 14.34 -12.93 -13.23
CA ALA B 108 14.57 -14.38 -13.05
C ALA B 108 13.22 -15.09 -13.02
N SER B 109 13.15 -16.30 -13.59
CA SER B 109 11.93 -17.17 -13.53
C SER B 109 11.69 -17.60 -12.08
N THR B 110 12.75 -17.77 -11.30
CA THR B 110 12.74 -18.23 -9.88
C THR B 110 12.27 -17.08 -8.97
N LEU B 111 10.97 -16.77 -8.98
CA LEU B 111 10.37 -15.69 -8.14
C LEU B 111 9.39 -16.28 -7.12
N TYR B 112 9.33 -15.67 -5.94
CA TYR B 112 8.21 -15.84 -4.97
C TYR B 112 6.90 -15.64 -5.73
N GLY B 113 5.94 -16.56 -5.56
CA GLY B 113 4.66 -16.63 -6.28
C GLY B 113 3.99 -15.26 -6.43
N GLY B 114 4.11 -14.40 -5.41
CA GLY B 114 3.48 -13.06 -5.37
C GLY B 114 4.15 -12.11 -6.34
N THR B 115 5.48 -12.19 -6.44
CA THR B 115 6.28 -11.38 -7.41
C THR B 115 5.90 -11.83 -8.83
N TYR B 116 5.82 -13.14 -9.08
CA TYR B 116 5.46 -13.66 -10.42
C TYR B 116 4.10 -13.09 -10.87
N THR B 117 3.09 -13.10 -10.01
CA THR B 117 1.72 -12.61 -10.35
C THR B 117 1.76 -11.09 -10.54
N LEU B 118 2.45 -10.35 -9.67
CA LEU B 118 2.64 -8.89 -9.84
C LEU B 118 3.16 -8.62 -11.25
N PHE B 119 4.21 -9.33 -11.66
CA PHE B 119 4.96 -9.11 -12.91
C PHE B 119 4.13 -9.56 -14.13
N ALA B 120 3.56 -10.77 -14.07
CA ALA B 120 3.00 -11.47 -15.25
C ALA B 120 1.53 -11.09 -15.47
N HIS B 121 0.88 -10.50 -14.47
CA HIS B 121 -0.57 -10.15 -14.53
C HIS B 121 -0.78 -8.65 -14.27
N THR B 122 -0.51 -8.17 -13.06
CA THR B 122 -0.83 -6.78 -12.65
C THR B 122 0.00 -5.77 -13.47
N LEU B 123 1.30 -5.97 -13.63
CA LEU B 123 2.16 -5.05 -14.40
C LEU B 123 1.86 -5.20 -15.90
N ARG B 124 1.47 -6.40 -16.35
CA ARG B 124 1.04 -6.63 -17.76
C ARG B 124 -0.15 -5.72 -18.07
N LYS B 125 -1.16 -5.71 -17.20
CA LYS B 125 -2.38 -4.87 -17.34
C LYS B 125 -1.99 -3.38 -17.41
N LEU B 126 -0.92 -2.97 -16.73
CA LEU B 126 -0.40 -1.57 -16.74
C LEU B 126 0.57 -1.38 -17.91
N GLY B 127 0.59 -2.33 -18.85
CA GLY B 127 1.33 -2.25 -20.12
C GLY B 127 2.83 -2.40 -19.95
N ILE B 128 3.27 -3.06 -18.89
CA ILE B 128 4.71 -3.34 -18.60
C ILE B 128 4.95 -4.84 -18.80
N THR B 129 5.64 -5.22 -19.88
CA THR B 129 5.91 -6.63 -20.25
C THR B 129 7.15 -7.10 -19.49
N VAL B 130 7.02 -8.09 -18.60
CA VAL B 130 8.19 -8.69 -17.90
C VAL B 130 8.61 -9.95 -18.65
N LYS B 131 9.88 -10.00 -19.06
CA LYS B 131 10.46 -11.17 -19.75
C LYS B 131 11.20 -12.01 -18.70
N PHE B 132 10.78 -13.27 -18.54
CA PHE B 132 11.32 -14.23 -17.55
C PHE B 132 12.45 -15.02 -18.22
N VAL B 133 13.57 -15.19 -17.51
CA VAL B 133 14.77 -15.94 -18.01
C VAL B 133 15.23 -16.92 -16.93
N ASN B 134 15.83 -18.04 -17.33
CA ASN B 134 16.51 -19.00 -16.43
C ASN B 134 17.78 -18.35 -15.91
N PRO B 135 17.85 -17.97 -14.62
CA PRO B 135 18.98 -17.22 -14.09
C PRO B 135 20.29 -18.01 -13.95
N ASP B 136 20.26 -19.32 -14.22
CA ASP B 136 21.47 -20.18 -14.34
C ASP B 136 22.25 -19.80 -15.60
N TYR B 137 21.55 -19.30 -16.63
CA TYR B 137 22.09 -19.02 -17.98
C TYR B 137 22.27 -17.50 -18.13
N LEU B 138 23.50 -17.02 -17.90
CA LEU B 138 23.89 -15.59 -17.99
C LEU B 138 23.51 -15.05 -19.37
N GLU B 139 23.69 -15.86 -20.41
CA GLU B 139 23.40 -15.51 -21.83
C GLU B 139 21.90 -15.26 -22.01
N GLU B 140 21.04 -16.04 -21.33
CA GLU B 140 19.57 -15.92 -21.41
C GLU B 140 19.14 -14.50 -21.03
N PHE B 141 19.88 -13.83 -20.13
CA PHE B 141 19.67 -12.41 -19.73
C PHE B 141 19.90 -11.47 -20.91
N GLU B 142 21.07 -11.58 -21.56
CA GLU B 142 21.51 -10.70 -22.68
C GLU B 142 20.48 -10.79 -23.81
N LYS B 143 19.99 -12.00 -24.12
CA LYS B 143 19.00 -12.27 -25.20
C LYS B 143 17.68 -11.54 -24.89
N ALA B 144 17.25 -11.54 -23.63
CA ALA B 144 15.93 -11.02 -23.18
C ALA B 144 15.89 -9.49 -23.21
N ILE B 145 17.05 -8.82 -23.15
CA ILE B 145 17.15 -7.33 -23.13
C ILE B 145 16.87 -6.79 -24.54
N THR B 146 16.09 -5.72 -24.62
CA THR B 146 15.72 -4.99 -25.87
C THR B 146 15.92 -3.49 -25.65
N ASP B 147 15.59 -2.66 -26.65
CA ASP B 147 15.65 -1.18 -26.54
C ASP B 147 14.85 -0.77 -25.29
N LYS B 148 13.64 -1.34 -25.13
CA LYS B 148 12.57 -0.85 -24.22
C LYS B 148 12.79 -1.35 -22.78
N THR B 149 13.78 -2.22 -22.53
CA THR B 149 14.10 -2.77 -21.18
C THR B 149 14.60 -1.65 -20.25
N LYS B 150 14.13 -1.62 -18.99
CA LYS B 150 14.45 -0.54 -18.01
C LYS B 150 15.12 -1.07 -16.74
N ALA B 151 15.21 -2.39 -16.53
CA ALA B 151 15.87 -2.97 -15.33
C ALA B 151 16.07 -4.48 -15.49
N ILE B 152 17.02 -5.04 -14.73
CA ILE B 152 17.16 -6.50 -14.48
C ILE B 152 16.81 -6.76 -13.02
N PHE B 153 15.94 -7.75 -12.76
CA PHE B 153 15.40 -8.07 -11.42
C PHE B 153 15.67 -9.54 -11.08
N VAL B 154 16.24 -9.80 -9.90
CA VAL B 154 16.48 -11.16 -9.34
C VAL B 154 16.32 -11.13 -7.81
N GLU B 155 16.10 -12.31 -7.22
CA GLU B 155 16.13 -12.56 -5.76
C GLU B 155 17.50 -13.18 -5.39
N THR B 156 18.12 -12.72 -4.31
CA THR B 156 19.37 -13.29 -3.75
C THR B 156 19.28 -14.82 -3.71
N LEU B 157 18.30 -15.37 -3.00
CA LEU B 157 18.00 -16.83 -2.91
C LEU B 157 16.59 -17.07 -3.48
N GLY B 158 16.51 -17.71 -4.65
CA GLY B 158 15.28 -17.80 -5.45
C GLY B 158 14.24 -18.73 -4.82
N ASN B 159 12.97 -18.55 -5.17
CA ASN B 159 11.85 -19.39 -4.70
C ASN B 159 11.38 -20.31 -5.84
N PRO B 160 11.14 -21.61 -5.57
CA PRO B 160 11.54 -22.25 -4.31
C PRO B 160 12.86 -23.06 -4.41
N ASN B 161 13.68 -22.80 -5.44
CA ASN B 161 14.86 -23.64 -5.81
C ASN B 161 16.07 -23.29 -4.92
N ILE B 162 16.01 -22.19 -4.20
CA ILE B 162 17.13 -21.67 -3.36
C ILE B 162 18.39 -21.52 -4.24
N ASN B 163 18.24 -20.89 -5.41
CA ASN B 163 19.33 -20.67 -6.39
C ASN B 163 19.95 -19.29 -6.13
N ILE B 164 21.30 -19.23 -6.11
CA ILE B 164 22.09 -17.98 -6.01
C ILE B 164 22.49 -17.58 -7.42
N PRO B 165 21.99 -16.44 -7.96
CA PRO B 165 22.45 -15.94 -9.26
C PRO B 165 23.86 -15.35 -9.16
N ASP B 166 24.54 -15.19 -10.30
CA ASP B 166 25.90 -14.60 -10.38
C ASP B 166 25.76 -13.07 -10.49
N PHE B 167 25.67 -12.41 -9.34
CA PHE B 167 25.29 -10.98 -9.20
C PHE B 167 26.21 -10.13 -10.08
N GLU B 168 27.52 -10.19 -9.81
CA GLU B 168 28.57 -9.39 -10.50
C GLU B 168 28.43 -9.57 -12.01
N ALA B 169 28.26 -10.81 -12.46
CA ALA B 169 28.09 -11.18 -13.89
C ALA B 169 26.83 -10.50 -14.46
N ILE B 170 25.72 -10.56 -13.73
CA ILE B 170 24.42 -9.99 -14.20
C ILE B 170 24.48 -8.45 -14.14
N ALA B 171 25.17 -7.90 -13.14
CA ALA B 171 25.33 -6.43 -12.95
C ALA B 171 26.06 -5.84 -14.16
N GLU B 172 27.11 -6.51 -14.64
CA GLU B 172 27.90 -6.12 -15.85
C GLU B 172 26.99 -6.10 -17.09
N ILE B 173 26.12 -7.10 -17.23
CA ILE B 173 25.17 -7.22 -18.38
C ILE B 173 24.19 -6.04 -18.32
N ALA B 174 23.73 -5.68 -17.12
CA ALA B 174 22.83 -4.53 -16.89
C ALA B 174 23.55 -3.22 -17.21
N HIS B 175 24.77 -3.04 -16.68
CA HIS B 175 25.55 -1.78 -16.80
C HIS B 175 26.02 -1.61 -18.25
N LYS B 176 26.27 -2.71 -18.96
CA LYS B 176 26.67 -2.69 -20.40
C LYS B 176 25.55 -2.07 -21.24
N HIS B 177 24.29 -2.23 -20.79
CA HIS B 177 23.07 -1.79 -21.52
C HIS B 177 22.48 -0.53 -20.87
N GLY B 178 23.17 0.03 -19.87
CA GLY B 178 22.82 1.28 -19.20
C GLY B 178 21.49 1.18 -18.47
N ILE B 179 21.28 0.11 -17.69
CA ILE B 179 20.04 -0.09 -16.89
C ILE B 179 20.41 -0.57 -15.49
N PRO B 180 19.57 -0.29 -14.47
CA PRO B 180 19.83 -0.70 -13.10
C PRO B 180 19.65 -2.20 -12.84
N PHE B 181 20.45 -2.73 -11.92
CA PHE B 181 20.34 -4.10 -11.36
C PHE B 181 19.59 -4.02 -10.03
N ILE B 182 18.42 -4.66 -9.95
CA ILE B 182 17.53 -4.67 -8.75
C ILE B 182 17.61 -6.05 -8.09
N VAL B 183 17.92 -6.10 -6.79
CA VAL B 183 18.04 -7.36 -6.01
C VAL B 183 16.99 -7.36 -4.89
N ASP B 184 16.08 -8.35 -4.91
CA ASP B 184 15.24 -8.73 -3.75
C ASP B 184 16.12 -9.52 -2.77
N ASN B 185 16.43 -8.93 -1.62
CA ASN B 185 17.43 -9.45 -0.63
C ASN B 185 16.71 -9.94 0.65
N THR B 186 15.39 -10.08 0.59
CA THR B 186 14.47 -10.57 1.67
C THR B 186 15.04 -11.81 2.39
N PHE B 187 15.53 -12.80 1.64
CA PHE B 187 15.94 -14.12 2.18
C PHE B 187 17.29 -14.05 2.91
N ALA B 188 18.08 -13.00 2.68
CA ALA B 188 19.47 -12.86 3.21
C ALA B 188 19.56 -11.77 4.29
N THR B 189 18.98 -10.59 4.03
CA THR B 189 19.18 -9.35 4.82
C THR B 189 20.63 -8.89 4.67
N PRO B 190 20.92 -7.60 4.94
CA PRO B 190 22.27 -7.09 4.81
C PRO B 190 23.33 -7.81 5.67
N TYR B 191 22.94 -8.51 6.75
CA TYR B 191 23.91 -9.25 7.61
C TYR B 191 24.59 -10.37 6.80
N LEU B 192 23.84 -11.10 5.97
CA LEU B 192 24.35 -12.28 5.21
C LEU B 192 24.85 -11.84 3.82
N PHE B 193 24.33 -10.74 3.28
CA PHE B 193 24.63 -10.24 1.91
C PHE B 193 24.22 -8.77 1.78
N ARG B 194 25.15 -7.94 1.28
CA ARG B 194 24.93 -6.53 0.89
C ARG B 194 25.07 -6.41 -0.63
N PRO B 195 23.96 -6.59 -1.39
CA PRO B 195 24.03 -6.64 -2.85
C PRO B 195 24.79 -5.49 -3.53
N ILE B 196 24.87 -4.33 -2.87
CA ILE B 196 25.49 -3.09 -3.44
C ILE B 196 27.00 -3.32 -3.60
N GLU B 197 27.60 -4.14 -2.71
CA GLU B 197 29.03 -4.51 -2.73
C GLU B 197 29.33 -5.45 -3.91
N HIS B 198 28.30 -6.04 -4.52
CA HIS B 198 28.43 -7.03 -5.63
C HIS B 198 27.66 -6.57 -6.89
N GLY B 199 27.28 -5.29 -6.98
CA GLY B 199 26.92 -4.61 -8.24
C GLY B 199 25.45 -4.20 -8.34
N ALA B 200 24.62 -4.48 -7.34
CA ALA B 200 23.19 -4.06 -7.30
C ALA B 200 23.14 -2.54 -7.14
N ASP B 201 22.21 -1.88 -7.84
CA ASP B 201 22.00 -0.41 -7.81
C ASP B 201 20.83 -0.08 -6.87
N ILE B 202 19.74 -0.85 -6.97
CA ILE B 202 18.56 -0.80 -6.07
C ILE B 202 18.48 -2.14 -5.31
N VAL B 203 18.16 -2.09 -4.01
CA VAL B 203 17.86 -3.30 -3.19
C VAL B 203 16.44 -3.17 -2.62
N VAL B 204 15.62 -4.22 -2.79
CA VAL B 204 14.27 -4.26 -2.18
C VAL B 204 14.24 -5.37 -1.12
N TYR B 205 13.42 -5.17 -0.09
CA TYR B 205 13.13 -6.19 0.96
C TYR B 205 11.63 -6.24 1.25
N SER B 206 11.16 -7.45 1.54
CA SER B 206 9.98 -7.70 2.40
C SER B 206 10.49 -7.77 3.84
N MET B 207 10.28 -6.71 4.59
CA MET B 207 10.75 -6.61 5.99
C MET B 207 9.83 -7.46 6.86
N THR B 208 8.69 -7.87 6.31
CA THR B 208 7.75 -8.87 6.87
C THR B 208 8.51 -10.09 7.36
N PHE B 210 12.67 -11.81 7.45
CA PHE B 210 13.75 -11.90 8.43
C PHE B 210 14.12 -10.55 9.06
N LEU B 211 14.06 -9.45 8.30
CA LEU B 211 14.41 -8.11 8.85
C LEU B 211 13.50 -7.83 10.06
N GLY B 212 12.20 -8.02 9.88
CA GLY B 212 11.20 -7.99 10.98
C GLY B 212 11.51 -9.05 12.03
N GLY B 213 11.44 -10.32 11.65
CA GLY B 213 11.98 -11.44 12.44
C GLY B 213 11.03 -12.04 13.46
N HIS B 214 9.86 -11.42 13.72
CA HIS B 214 8.96 -11.81 14.84
C HIS B 214 7.54 -12.16 14.35
N GLY B 215 7.28 -12.10 13.05
CA GLY B 215 6.00 -12.45 12.39
C GLY B 215 4.83 -11.58 12.82
N THR B 216 5.08 -10.29 13.12
CA THR B 216 4.07 -9.36 13.69
C THR B 216 3.59 -8.36 12.65
N SER B 217 4.49 -7.89 11.78
CA SER B 217 4.28 -6.65 10.99
C SER B 217 4.62 -6.92 9.52
N ILE B 218 3.68 -6.60 8.63
CA ILE B 218 3.86 -6.63 7.15
C ILE B 218 4.47 -5.28 6.74
N ALA B 219 5.65 -5.30 6.10
CA ALA B 219 6.38 -4.08 5.69
C ALA B 219 7.33 -4.38 4.51
N GLY B 220 7.54 -3.38 3.65
CA GLY B 220 8.53 -3.40 2.55
C GLY B 220 9.44 -2.18 2.58
N ILE B 221 10.49 -2.20 1.77
CA ILE B 221 11.45 -1.04 1.69
C ILE B 221 12.22 -1.13 0.39
N VAL B 222 12.43 0.03 -0.27
CA VAL B 222 13.32 0.21 -1.45
C VAL B 222 14.57 0.99 -1.01
N VAL B 223 15.74 0.44 -1.27
CA VAL B 223 17.06 1.05 -0.91
C VAL B 223 17.81 1.41 -2.19
N ASP B 224 18.17 2.69 -2.30
CA ASP B 224 18.91 3.28 -3.44
C ASP B 224 20.40 3.34 -3.07
N SER B 225 21.28 2.75 -3.90
CA SER B 225 22.74 2.81 -3.73
C SER B 225 23.22 4.24 -3.98
N GLY B 226 22.65 4.91 -4.98
CA GLY B 226 23.11 6.21 -5.49
C GLY B 226 24.37 6.07 -6.33
N LYS B 227 24.64 4.86 -6.84
CA LYS B 227 25.85 4.52 -7.64
C LYS B 227 25.54 4.66 -9.13
N PHE B 228 24.27 4.47 -9.53
CA PHE B 228 23.83 4.42 -10.95
C PHE B 228 23.63 5.84 -11.51
N GLU B 229 24.24 6.12 -12.68
CA GLU B 229 24.10 7.39 -13.45
C GLU B 229 22.94 7.25 -14.43
N TRP B 230 21.83 7.95 -14.17
CA TRP B 230 20.58 7.88 -14.96
C TRP B 230 20.79 8.56 -16.32
N ASN B 231 20.24 7.95 -17.39
CA ASN B 231 20.51 8.31 -18.80
C ASN B 231 19.18 8.58 -19.53
N GLU B 232 19.22 8.71 -20.86
CA GLU B 232 18.07 9.08 -21.73
C GLU B 232 16.97 7.99 -21.71
N LYS B 233 17.29 6.77 -21.26
CA LYS B 233 16.29 5.67 -21.11
C LYS B 233 15.35 5.98 -19.93
N PHE B 234 15.80 6.81 -18.98
CA PHE B 234 15.05 7.19 -17.75
C PHE B 234 14.76 8.68 -17.75
N PRO B 235 13.96 9.18 -18.72
CA PRO B 235 13.80 10.63 -18.93
C PRO B 235 13.20 11.40 -17.75
N ASP B 236 12.25 10.80 -17.03
CA ASP B 236 11.52 11.44 -15.91
C ASP B 236 12.49 11.79 -14.76
N LEU B 237 13.74 11.28 -14.80
CA LEU B 237 14.77 11.54 -13.76
C LEU B 237 15.75 12.63 -14.21
N ILE B 238 16.02 12.73 -15.51
CA ILE B 238 17.02 13.69 -16.09
C ILE B 238 16.32 14.95 -16.63
N GLN B 239 15.01 14.86 -16.93
CA GLN B 239 14.20 15.97 -17.50
C GLN B 239 13.31 16.58 -16.41
N PRO B 240 12.70 17.76 -16.64
CA PRO B 240 11.77 18.34 -15.67
C PRO B 240 10.50 17.50 -15.46
N ASP B 241 10.10 17.34 -14.18
CA ASP B 241 8.86 16.63 -13.78
C ASP B 241 7.71 17.63 -13.70
N PRO B 242 6.69 17.54 -14.58
CA PRO B 242 5.47 18.34 -14.45
C PRO B 242 4.81 18.07 -13.09
N SER B 243 4.89 16.81 -12.65
CA SER B 243 4.27 16.25 -11.42
C SER B 243 4.76 17.01 -10.18
N TYR B 244 6.02 17.46 -10.16
CA TYR B 244 6.63 18.21 -9.02
C TYR B 244 7.25 19.52 -9.52
N HIS B 245 6.41 20.44 -9.99
CA HIS B 245 6.71 21.86 -10.33
C HIS B 245 8.00 21.97 -11.16
N GLY B 246 8.08 21.23 -12.27
CA GLY B 246 9.17 21.34 -13.27
C GLY B 246 10.56 21.17 -12.66
N LEU B 247 10.67 20.36 -11.61
CA LEU B 247 11.95 20.05 -10.91
C LEU B 247 12.65 18.90 -11.63
N ILE B 248 13.98 18.96 -11.73
CA ILE B 248 14.87 17.87 -12.25
C ILE B 248 15.48 17.17 -11.04
N TYR B 249 15.28 15.86 -10.91
CA TYR B 249 15.65 15.07 -9.71
C TYR B 249 17.17 14.98 -9.59
N THR B 250 17.86 14.65 -10.68
CA THR B 250 19.35 14.51 -10.71
C THR B 250 20.00 15.86 -10.37
N LYS B 251 19.33 16.98 -10.64
CA LYS B 251 19.87 18.35 -10.41
C LYS B 251 19.71 18.71 -8.93
N GLU B 252 18.52 18.49 -8.38
CA GLU B 252 18.13 18.89 -7.00
C GLU B 252 18.71 17.92 -5.96
N PHE B 253 18.77 16.61 -6.25
CA PHE B 253 19.08 15.56 -5.26
C PHE B 253 20.38 14.82 -5.59
N GLY B 254 21.00 15.05 -6.74
CA GLY B 254 22.28 14.43 -7.12
C GLY B 254 22.15 12.92 -7.28
N ASN B 255 22.94 12.16 -6.51
CA ASN B 255 22.97 10.67 -6.53
C ASN B 255 21.69 10.08 -5.92
N ALA B 256 20.87 10.87 -5.23
CA ALA B 256 19.65 10.40 -4.54
C ALA B 256 18.40 10.66 -5.38
N ALA B 257 18.55 10.87 -6.70
CA ALA B 257 17.46 11.23 -7.63
C ALA B 257 16.35 10.17 -7.60
N TYR B 258 16.71 8.89 -7.78
CA TYR B 258 15.75 7.76 -7.87
C TYR B 258 14.88 7.72 -6.62
N ILE B 259 15.50 7.69 -5.43
CA ILE B 259 14.79 7.47 -4.15
C ILE B 259 13.91 8.69 -3.83
N ALA B 260 14.34 9.89 -4.24
CA ALA B 260 13.57 11.15 -4.08
C ALA B 260 12.33 11.13 -4.98
N LYS B 261 12.49 10.75 -6.25
CA LYS B 261 11.37 10.63 -7.22
C LYS B 261 10.34 9.64 -6.65
N LEU B 262 10.81 8.50 -6.14
CA LEU B 262 9.94 7.40 -5.61
C LEU B 262 9.05 7.97 -4.49
N ARG B 263 9.65 8.67 -3.52
CA ARG B 263 8.95 9.32 -2.39
C ARG B 263 7.95 10.35 -2.93
N LEU B 264 8.44 11.32 -3.71
CA LEU B 264 7.69 12.56 -4.05
C LEU B 264 6.57 12.28 -5.06
N THR B 265 6.64 11.17 -5.81
CA THR B 265 5.65 10.82 -6.86
C THR B 265 4.81 9.61 -6.43
N LEU B 266 5.41 8.41 -6.36
CA LEU B 266 4.68 7.13 -6.15
C LEU B 266 4.14 7.02 -4.72
N LEU B 267 4.95 7.36 -3.69
CA LEU B 267 4.51 7.27 -2.28
C LEU B 267 3.39 8.28 -2.06
N ARG B 268 3.48 9.46 -2.68
CA ARG B 268 2.41 10.48 -2.63
C ARG B 268 1.18 9.97 -3.40
N ASP B 269 1.32 9.57 -4.68
CA ASP B 269 0.17 9.34 -5.58
C ASP B 269 -0.55 8.02 -5.26
N ILE B 270 0.19 6.94 -5.01
CA ILE B 270 -0.40 5.59 -4.76
C ILE B 270 -0.57 5.36 -3.26
N GLY B 271 0.29 5.95 -2.41
CA GLY B 271 0.11 6.01 -0.95
C GLY B 271 0.09 4.64 -0.28
N ALA B 272 0.97 3.72 -0.70
CA ALA B 272 1.19 2.41 -0.03
C ALA B 272 2.16 2.63 1.13
N CYS B 273 1.81 3.50 2.07
N CYS B 273 1.74 3.47 2.09
CA CYS B 273 2.70 3.96 3.17
CA CYS B 273 2.49 4.01 3.25
C CYS B 273 2.66 2.98 4.34
C CYS B 273 2.65 2.93 4.35
N LEU B 274 3.77 2.92 5.07
CA LEU B 274 3.97 2.03 6.24
C LEU B 274 3.45 2.72 7.50
N SER B 275 2.58 2.05 8.26
CA SER B 275 2.14 2.44 9.63
C SER B 275 3.36 2.80 10.50
N PRO B 276 3.37 3.95 11.21
CA PRO B 276 4.41 4.22 12.21
C PRO B 276 4.58 3.11 13.27
N PHE B 277 3.49 2.44 13.62
CA PHE B 277 3.46 1.33 14.61
C PHE B 277 4.22 0.13 14.05
N ASN B 278 3.98 -0.22 12.79
CA ASN B 278 4.70 -1.30 12.07
C ASN B 278 6.20 -0.98 12.00
N SER B 279 6.54 0.28 11.79
CA SER B 279 7.93 0.79 11.72
C SER B 279 8.61 0.54 13.08
N PHE B 280 7.89 0.85 14.15
CA PHE B 280 8.34 0.67 15.56
C PHE B 280 8.68 -0.81 15.79
N LEU B 281 7.80 -1.69 15.35
CA LEU B 281 7.90 -3.16 15.60
C LEU B 281 9.00 -3.76 14.73
N VAL B 282 9.20 -3.26 13.51
CA VAL B 282 10.28 -3.74 12.60
C VAL B 282 11.63 -3.27 13.17
N LEU B 283 11.72 -2.03 13.66
CA LEU B 283 12.93 -1.50 14.34
C LEU B 283 13.34 -2.44 15.48
N LEU B 284 12.40 -2.88 16.32
CA LEU B 284 12.70 -3.79 17.47
C LEU B 284 13.35 -5.08 16.96
N GLY B 285 12.87 -5.63 15.84
CA GLY B 285 13.49 -6.79 15.18
C GLY B 285 14.90 -6.49 14.67
N VAL B 286 15.09 -5.32 14.07
CA VAL B 286 16.36 -4.94 13.38
C VAL B 286 17.48 -4.75 14.43
N GLU B 287 17.12 -4.41 15.67
CA GLU B 287 18.07 -4.20 16.80
C GLU B 287 18.83 -5.51 17.11
N THR B 288 18.31 -6.67 16.73
CA THR B 288 18.92 -8.00 17.02
C THR B 288 19.23 -8.76 15.73
N LEU B 289 19.34 -8.07 14.58
CA LEU B 289 19.41 -8.73 13.25
C LEU B 289 20.62 -9.67 13.16
N SER B 290 21.82 -9.19 13.48
CA SER B 290 23.08 -9.98 13.43
C SER B 290 22.92 -11.24 14.31
N LEU B 291 22.29 -11.08 15.48
CA LEU B 291 22.14 -12.14 16.52
C LEU B 291 21.20 -13.23 16.01
N ARG B 292 19.99 -12.84 15.59
CA ARG B 292 18.97 -13.77 15.06
C ARG B 292 19.51 -14.48 13.82
N MET B 293 20.04 -13.72 12.84
CA MET B 293 20.44 -14.26 11.51
C MET B 293 21.58 -15.27 11.67
N GLN B 294 22.48 -15.07 12.63
CA GLN B 294 23.60 -16.02 12.90
C GLN B 294 23.03 -17.35 13.40
N LYS B 295 22.07 -17.31 14.33
CA LYS B 295 21.44 -18.50 14.93
C LYS B 295 20.63 -19.23 13.85
N HIS B 296 19.90 -18.48 13.01
CA HIS B 296 19.13 -19.01 11.86
C HIS B 296 20.03 -19.91 11.01
N VAL B 297 21.18 -19.40 10.53
CA VAL B 297 22.05 -20.13 9.56
C VAL B 297 22.81 -21.24 10.30
N ASP B 298 23.12 -21.07 11.60
CA ASP B 298 23.73 -22.13 12.43
C ASP B 298 22.76 -23.30 12.56
N ASN B 299 21.46 -23.00 12.74
CA ASN B 299 20.42 -24.05 12.89
C ASN B 299 20.14 -24.65 11.50
N ALA B 300 20.02 -23.82 10.47
CA ALA B 300 19.69 -24.23 9.08
C ALA B 300 20.72 -25.24 8.58
N MET B 301 22.00 -24.97 8.81
CA MET B 301 23.10 -25.79 8.25
C MET B 301 23.12 -27.16 8.96
N LYS B 302 23.05 -27.19 10.28
CA LYS B 302 23.04 -28.45 11.09
C LYS B 302 21.88 -29.33 10.62
N LEU B 303 20.69 -28.75 10.45
CA LEU B 303 19.44 -29.49 10.11
C LEU B 303 19.50 -29.94 8.65
N ALA B 304 19.97 -29.08 7.75
CA ALA B 304 20.24 -29.44 6.33
C ALA B 304 21.16 -30.67 6.30
N LYS B 305 22.23 -30.67 7.10
CA LYS B 305 23.20 -31.80 7.20
C LYS B 305 22.46 -33.06 7.66
N PHE B 306 21.72 -32.96 8.77
CA PHE B 306 21.01 -34.08 9.42
C PHE B 306 20.11 -34.78 8.39
N LEU B 307 19.32 -33.99 7.67
CA LEU B 307 18.35 -34.51 6.67
C LEU B 307 19.10 -35.09 5.48
N ASN B 308 20.26 -34.53 5.12
CA ASN B 308 21.06 -34.97 3.95
C ASN B 308 21.63 -36.38 4.21
N ASP B 309 21.77 -36.79 5.48
CA ASP B 309 22.33 -38.11 5.87
C ASP B 309 21.22 -39.09 6.25
N HIS B 310 19.97 -38.65 6.39
CA HIS B 310 18.83 -39.47 6.90
C HIS B 310 18.35 -40.43 5.83
N PRO B 311 18.12 -41.72 6.16
CA PRO B 311 17.81 -42.73 5.13
C PRO B 311 16.37 -42.66 4.57
N LYS B 312 15.50 -41.81 5.14
CA LYS B 312 14.11 -41.59 4.65
C LYS B 312 14.02 -40.30 3.83
N VAL B 313 15.17 -39.65 3.57
CA VAL B 313 15.28 -38.40 2.79
C VAL B 313 16.03 -38.70 1.48
N GLU B 314 15.39 -38.43 0.34
CA GLU B 314 15.92 -38.71 -1.03
C GLU B 314 16.89 -37.59 -1.43
N TRP B 315 16.50 -36.33 -1.22
CA TRP B 315 17.30 -35.15 -1.62
C TRP B 315 17.04 -33.99 -0.64
N VAL B 316 18.08 -33.18 -0.43
CA VAL B 316 18.02 -31.86 0.26
C VAL B 316 18.69 -30.84 -0.67
N ASN B 317 18.04 -29.71 -0.88
CA ASN B 317 18.49 -28.62 -1.78
C ASN B 317 18.79 -27.39 -0.92
N TYR B 318 20.07 -27.20 -0.58
CA TYR B 318 20.64 -26.06 0.22
C TYR B 318 22.07 -25.85 -0.27
N PRO B 319 22.42 -24.65 -0.77
CA PRO B 319 23.71 -24.45 -1.45
C PRO B 319 24.96 -24.75 -0.60
N ALA B 320 24.82 -24.76 0.74
CA ALA B 320 25.92 -25.04 1.70
C ALA B 320 26.18 -26.55 1.82
N LEU B 321 25.41 -27.39 1.12
CA LEU B 321 25.68 -28.86 1.02
C LEU B 321 26.59 -29.12 -0.17
N GLU B 322 27.77 -29.71 0.10
CA GLU B 322 28.73 -30.18 -0.94
C GLU B 322 27.97 -31.01 -1.99
N GLY B 323 28.17 -30.71 -3.27
CA GLY B 323 27.50 -31.38 -4.41
C GLY B 323 26.39 -30.53 -5.01
N ASN B 324 25.83 -29.61 -4.22
CA ASN B 324 24.80 -28.64 -4.68
C ASN B 324 25.41 -27.77 -5.79
N LYS B 325 24.63 -27.46 -6.83
CA LYS B 325 25.07 -26.70 -8.04
C LYS B 325 25.54 -25.28 -7.66
N TYR B 326 25.13 -24.75 -6.50
CA TYR B 326 25.33 -23.34 -6.08
C TYR B 326 26.30 -23.23 -4.89
N TYR B 327 27.15 -24.24 -4.65
CA TYR B 327 28.07 -24.34 -3.48
C TYR B 327 29.16 -23.26 -3.56
N GLU B 328 29.81 -23.14 -4.73
CA GLU B 328 30.90 -22.16 -4.99
C GLU B 328 30.34 -20.74 -4.84
N LEU B 329 29.12 -20.52 -5.31
CA LEU B 329 28.41 -19.20 -5.26
C LEU B 329 28.07 -18.85 -3.82
N TYR B 330 27.75 -19.85 -2.99
CA TYR B 330 27.52 -19.70 -1.52
C TYR B 330 28.82 -19.21 -0.88
N LYS B 331 29.90 -19.98 -1.07
CA LYS B 331 31.25 -19.75 -0.51
C LYS B 331 31.76 -18.37 -0.96
N LYS B 332 31.36 -17.90 -2.15
CA LYS B 332 31.72 -16.56 -2.68
C LYS B 332 30.82 -15.48 -2.04
N TYR B 333 29.54 -15.46 -2.40
CA TYR B 333 28.62 -14.32 -2.15
C TYR B 333 28.06 -14.35 -0.71
N LEU B 334 28.02 -15.51 -0.07
CA LEU B 334 27.24 -15.75 1.18
C LEU B 334 28.03 -16.62 2.17
N PRO B 335 29.29 -16.26 2.49
CA PRO B 335 30.16 -17.13 3.29
C PRO B 335 29.62 -17.48 4.69
N LYS B 336 28.86 -16.58 5.30
CA LYS B 336 28.32 -16.76 6.69
C LYS B 336 27.20 -17.80 6.67
N GLY B 337 26.65 -18.11 5.50
CA GLY B 337 25.56 -19.09 5.34
C GLY B 337 24.53 -18.59 4.33
N PRO B 338 24.05 -19.44 3.40
CA PRO B 338 23.16 -19.00 2.32
C PRO B 338 21.70 -19.00 2.76
N GLY B 339 21.37 -18.14 3.74
CA GLY B 339 20.02 -18.03 4.33
C GLY B 339 19.67 -19.24 5.19
N ALA B 340 18.42 -19.30 5.65
CA ALA B 340 17.92 -20.35 6.56
C ALA B 340 16.69 -21.06 5.97
N ILE B 341 16.50 -20.98 4.65
CA ILE B 341 15.38 -21.63 3.92
C ILE B 341 15.96 -22.66 2.95
N PHE B 342 15.46 -23.89 2.98
CA PHE B 342 15.86 -24.97 2.06
C PHE B 342 14.71 -25.96 1.87
N THR B 343 14.72 -26.69 0.76
CA THR B 343 13.73 -27.71 0.35
C THR B 343 14.33 -29.10 0.46
N PHE B 344 13.66 -30.01 1.16
CA PHE B 344 14.01 -31.46 1.23
C PHE B 344 12.85 -32.28 0.69
N GLY B 345 13.17 -33.48 0.19
CA GLY B 345 12.22 -34.42 -0.42
C GLY B 345 12.31 -35.80 0.20
N PRO B 346 11.27 -36.26 0.93
CA PRO B 346 11.28 -37.58 1.56
C PRO B 346 11.16 -38.67 0.50
N LYS B 347 11.87 -39.78 0.69
CA LYS B 347 11.52 -41.07 0.03
C LYS B 347 10.10 -41.40 0.51
N GLY B 348 9.15 -41.58 -0.42
CA GLY B 348 7.73 -41.84 -0.09
C GLY B 348 6.76 -40.92 -0.82
N GLY B 349 7.24 -39.84 -1.43
CA GLY B 349 6.44 -38.97 -2.31
C GLY B 349 5.52 -38.03 -1.54
N TYR B 350 4.42 -37.63 -2.18
CA TYR B 350 3.35 -36.71 -1.69
C TYR B 350 2.90 -37.17 -0.30
N ASP B 351 2.60 -38.47 -0.16
CA ASP B 351 2.01 -39.09 1.06
C ASP B 351 2.93 -38.88 2.27
N ALA B 352 4.21 -39.23 2.14
CA ALA B 352 5.24 -39.07 3.19
C ALA B 352 5.28 -37.61 3.62
N ALA B 353 5.34 -36.70 2.64
CA ALA B 353 5.37 -35.24 2.86
C ALA B 353 4.15 -34.81 3.68
N LYS B 354 2.94 -35.18 3.23
CA LYS B 354 1.67 -34.89 3.95
C LYS B 354 1.78 -35.41 5.39
N LYS B 355 2.38 -36.59 5.58
CA LYS B 355 2.47 -37.28 6.90
C LYS B 355 3.41 -36.49 7.83
N ILE B 356 4.54 -36.01 7.32
CA ILE B 356 5.54 -35.22 8.09
C ILE B 356 4.86 -33.91 8.53
N ILE B 357 4.16 -33.26 7.60
CA ILE B 357 3.43 -31.99 7.85
C ILE B 357 2.44 -32.19 8.99
N ASN B 358 1.71 -33.31 8.98
CA ASN B 358 0.59 -33.59 9.91
C ASN B 358 1.11 -34.07 11.27
N ASN B 359 2.41 -34.29 11.46
CA ASN B 359 2.97 -34.95 12.67
C ASN B 359 3.96 -34.05 13.44
N VAL B 360 4.43 -32.96 12.85
CA VAL B 360 5.36 -31.99 13.50
C VAL B 360 4.61 -31.20 14.58
N LYS B 361 5.28 -30.96 15.71
CA LYS B 361 4.71 -30.37 16.95
C LYS B 361 5.37 -29.02 17.26
N LEU B 362 6.55 -28.73 16.70
CA LEU B 362 7.33 -27.49 16.97
C LEU B 362 7.32 -26.57 15.73
N PHE B 363 7.65 -27.12 14.55
CA PHE B 363 7.48 -26.48 13.22
C PHE B 363 5.99 -26.12 13.03
N SER B 364 5.68 -24.87 12.69
CA SER B 364 4.30 -24.35 12.47
C SER B 364 3.96 -24.44 10.98
N HIS B 365 2.91 -25.18 10.64
CA HIS B 365 2.39 -25.33 9.25
C HIS B 365 1.69 -24.03 8.82
N LEU B 366 2.36 -23.18 8.05
CA LEU B 366 1.79 -21.95 7.45
C LEU B 366 2.56 -21.59 6.18
N ALA B 367 2.13 -20.54 5.47
CA ALA B 367 2.57 -20.22 4.08
C ALA B 367 3.71 -19.19 4.09
N ASN B 368 3.95 -18.50 5.20
CA ASN B 368 4.99 -17.43 5.31
C ASN B 368 6.37 -18.06 5.59
N VAL B 369 7.43 -17.24 5.47
CA VAL B 369 8.83 -17.57 5.91
C VAL B 369 9.35 -16.36 6.69
N GLY B 370 10.50 -16.49 7.37
CA GLY B 370 11.26 -15.35 7.91
C GLY B 370 10.93 -15.02 9.35
N ASP B 371 10.26 -15.93 10.05
CA ASP B 371 9.89 -15.80 11.48
C ASP B 371 11.08 -16.32 12.31
N ALA B 372 11.20 -15.87 13.56
CA ALA B 372 12.09 -16.48 14.57
C ALA B 372 11.68 -17.93 14.77
N LYS B 373 10.38 -18.22 14.66
CA LYS B 373 9.82 -19.59 14.81
C LYS B 373 10.06 -20.39 13.52
N SER B 374 10.42 -21.67 13.67
CA SER B 374 10.61 -22.63 12.55
C SER B 374 9.26 -22.86 11.86
N LEU B 375 9.21 -22.74 10.54
CA LEU B 375 7.98 -22.91 9.73
C LEU B 375 8.18 -24.08 8.75
N ILE B 376 7.08 -24.70 8.33
CA ILE B 376 7.06 -25.83 7.36
C ILE B 376 5.84 -25.65 6.44
N ILE B 377 5.99 -26.00 5.18
CA ILE B 377 4.88 -26.10 4.20
C ILE B 377 5.20 -27.25 3.22
N HIS B 378 4.15 -27.89 2.70
CA HIS B 378 4.19 -28.92 1.64
C HIS B 378 3.36 -28.40 0.47
N PRO B 379 3.92 -27.51 -0.39
CA PRO B 379 3.11 -26.76 -1.35
C PRO B 379 2.14 -27.63 -2.16
N ALA B 380 2.51 -28.90 -2.41
CA ALA B 380 1.81 -29.82 -3.33
C ALA B 380 0.44 -30.25 -2.75
N SER B 381 0.33 -30.36 -1.42
CA SER B 381 -0.93 -30.69 -0.70
C SER B 381 -1.60 -29.42 -0.14
N THR B 382 -0.99 -28.24 -0.34
CA THR B 382 -1.51 -26.92 0.16
C THR B 382 -1.57 -25.91 -1.00
N THR B 383 -0.62 -24.96 -1.04
CA THR B 383 -0.67 -23.75 -1.93
C THR B 383 -0.84 -24.16 -3.40
N HIS B 384 -0.26 -25.29 -3.82
CA HIS B 384 -0.14 -25.69 -5.25
C HIS B 384 -0.93 -26.98 -5.55
N GLN B 385 -1.96 -27.29 -4.75
CA GLN B 385 -2.78 -28.54 -4.85
C GLN B 385 -3.70 -28.49 -6.08
N GLN B 386 -4.13 -27.27 -6.49
CA GLN B 386 -5.11 -27.06 -7.59
C GLN B 386 -4.45 -27.42 -8.93
N LEU B 387 -3.15 -27.16 -9.07
CA LEU B 387 -2.35 -27.48 -10.29
C LEU B 387 -2.19 -29.00 -10.38
N THR B 388 -2.06 -29.55 -11.58
CA THR B 388 -1.73 -30.99 -11.82
C THR B 388 -0.26 -31.22 -11.44
N GLU B 389 0.14 -32.47 -11.22
CA GLU B 389 1.54 -32.87 -10.93
C GLU B 389 2.48 -32.24 -11.98
N GLU B 390 2.04 -32.19 -13.25
CA GLU B 390 2.78 -31.59 -14.39
C GLU B 390 2.93 -30.08 -14.20
N GLU B 391 1.83 -29.35 -13.92
CA GLU B 391 1.80 -27.87 -13.78
C GLU B 391 2.63 -27.43 -12.57
N GLN B 392 2.61 -28.22 -11.49
CA GLN B 392 3.46 -28.04 -10.27
C GLN B 392 4.93 -28.02 -10.68
N ARG B 393 5.44 -29.14 -11.21
CA ARG B 393 6.86 -29.37 -11.58
C ARG B 393 7.35 -28.28 -12.54
N ALA B 394 6.46 -27.74 -13.39
CA ALA B 394 6.74 -26.64 -14.35
C ALA B 394 7.03 -25.33 -13.62
N ALA B 395 6.51 -25.17 -12.39
CA ALA B 395 6.73 -24.00 -11.50
C ALA B 395 7.81 -24.30 -10.45
N GLY B 396 8.59 -25.36 -10.65
CA GLY B 396 9.71 -25.76 -9.75
C GLY B 396 9.25 -26.39 -8.45
N VAL B 397 8.00 -26.88 -8.39
CA VAL B 397 7.39 -27.54 -7.20
C VAL B 397 7.30 -29.05 -7.47
N LEU B 398 8.16 -29.85 -6.82
CA LEU B 398 8.09 -31.33 -6.88
C LEU B 398 6.94 -31.80 -6.00
N PRO B 399 6.21 -32.86 -6.39
CA PRO B 399 5.16 -33.44 -5.56
C PRO B 399 5.58 -33.78 -4.12
N GLU B 400 6.86 -34.06 -3.88
CA GLU B 400 7.38 -34.52 -2.56
C GLU B 400 8.12 -33.39 -1.84
N MET B 401 8.21 -32.21 -2.45
CA MET B 401 8.97 -31.04 -1.91
C MET B 401 8.32 -30.53 -0.61
N ILE B 402 9.09 -30.54 0.48
CA ILE B 402 8.81 -29.81 1.76
C ILE B 402 9.80 -28.64 1.86
N ARG B 403 9.28 -27.40 1.98
CA ARG B 403 10.09 -26.20 2.26
C ARG B 403 10.12 -25.98 3.79
N LEU B 404 11.29 -25.65 4.34
CA LEU B 404 11.47 -25.25 5.76
C LEU B 404 11.99 -23.80 5.82
N SER B 405 11.47 -22.99 6.74
CA SER B 405 12.11 -21.75 7.25
C SER B 405 12.63 -22.06 8.65
N VAL B 406 13.94 -22.16 8.81
CA VAL B 406 14.58 -22.66 10.06
C VAL B 406 14.69 -21.50 11.04
N GLY B 407 14.05 -21.65 12.21
CA GLY B 407 13.97 -20.64 13.27
C GLY B 407 15.21 -20.65 14.15
N ILE B 408 15.13 -19.99 15.31
CA ILE B 408 16.25 -19.82 16.29
C ILE B 408 15.98 -20.70 17.52
N GLU B 409 15.17 -21.75 17.38
CA GLU B 409 14.94 -22.77 18.46
C GLU B 409 16.25 -23.54 18.70
N ASP B 410 16.35 -24.27 19.80
CA ASP B 410 17.43 -25.26 20.06
C ASP B 410 17.42 -26.30 18.93
N ILE B 411 18.55 -26.47 18.24
CA ILE B 411 18.69 -27.37 17.06
C ILE B 411 18.33 -28.80 17.44
N GLU B 412 18.57 -29.19 18.69
CA GLU B 412 18.28 -30.55 19.23
C GLU B 412 16.77 -30.78 19.16
N ASP B 413 15.98 -29.77 19.53
CA ASP B 413 14.49 -29.85 19.57
C ASP B 413 13.94 -29.89 18.14
N LEU B 414 14.56 -29.16 17.22
CA LEU B 414 14.15 -29.10 15.79
C LEU B 414 14.45 -30.44 15.12
N ILE B 415 15.68 -30.95 15.28
CA ILE B 415 16.11 -32.29 14.77
C ILE B 415 15.11 -33.34 15.27
N TYR B 416 14.86 -33.35 16.59
CA TYR B 416 13.97 -34.33 17.29
C TYR B 416 12.58 -34.31 16.65
N ASP B 417 12.02 -33.10 16.49
CA ASP B 417 10.64 -32.90 15.97
C ASP B 417 10.52 -33.49 14.55
N ILE B 418 11.50 -33.22 13.69
CA ILE B 418 11.58 -33.72 12.28
C ILE B 418 11.81 -35.23 12.28
N GLU B 419 12.74 -35.69 13.12
CA GLU B 419 13.09 -37.14 13.26
C GLU B 419 11.86 -37.89 13.76
N SER B 420 11.14 -37.33 14.74
CA SER B 420 9.88 -37.88 15.29
C SER B 420 8.82 -38.02 14.19
N ALA B 421 8.71 -37.01 13.32
CA ALA B 421 7.77 -36.98 12.18
C ALA B 421 8.20 -38.02 11.13
N LEU B 422 9.51 -38.11 10.85
CA LEU B 422 10.08 -39.05 9.86
C LEU B 422 9.82 -40.50 10.30
N ASN B 423 9.67 -40.72 11.61
CA ASN B 423 9.42 -42.06 12.21
C ASN B 423 7.93 -42.45 12.08
N LYS B 424 7.07 -41.55 11.58
CA LYS B 424 5.66 -41.89 11.23
C LYS B 424 5.56 -42.14 9.72
N VAL B 425 6.69 -42.14 8.99
CA VAL B 425 6.75 -42.38 7.51
C VAL B 425 7.29 -43.79 7.25
N LEU B 426 6.80 -44.45 6.20
CA LEU B 426 7.18 -45.83 5.78
C LEU B 426 8.52 -45.80 5.03
N GLU B 427 9.07 -46.99 4.74
CA GLU B 427 10.35 -47.18 4.00
C GLU B 427 10.08 -47.96 2.72
#